data_6P7Y
#
_entry.id   6P7Y
#
_cell.length_a   207.021
_cell.length_b   207.021
_cell.length_c   120.650
_cell.angle_alpha   90.000
_cell.angle_beta   90.000
_cell.angle_gamma   120.000
#
_symmetry.space_group_name_H-M   'P 65'
#
loop_
_entity.id
_entity.type
_entity.pdbx_description
1 polymer 'Attachment glycoprotein'
2 polymer Ephrin-B2
3 branched beta-D-mannopyranose-(1-4)-2-acetamido-2-deoxy-beta-D-glucopyranose-(1-4)-2-acetamido-2-deoxy-beta-D-glucopyranose
4 branched 2-acetamido-2-deoxy-beta-D-glucopyranose-(1-4)-[alpha-L-fucopyranose-(1-6)]2-acetamido-2-deoxy-beta-D-glucopyranose
5 branched alpha-D-mannopyranose-(1-3)-[alpha-D-mannopyranose-(1-6)]beta-D-mannopyranose-(1-4)-2-acetamido-2-deoxy-beta-D-glucopyranose-(1-4)-[alpha-L-fucopyranose-(1-3)][alpha-L-fucopyranose-(1-6)]2-acetamido-2-deoxy-beta-D-glucopyranose
6 branched alpha-D-mannopyranose-(1-3)-[alpha-D-mannopyranose-(1-6)]beta-D-mannopyranose-(1-4)-2-acetamido-2-deoxy-beta-D-glucopyranose-(1-4)-2-acetamido-2-deoxy-beta-D-glucopyranose
7 branched alpha-D-mannopyranose-(1-6)-beta-D-mannopyranose-(1-4)-2-acetamido-2-deoxy-beta-D-glucopyranose-(1-4)-2-acetamido-2-deoxy-beta-D-glucopyranose
8 non-polymer 2-acetamido-2-deoxy-beta-D-glucopyranose
9 water water
#
loop_
_entity_poly.entity_id
_entity_poly.type
_entity_poly.pdbx_seq_one_letter_code
_entity_poly.pdbx_strand_id
1 'polypeptide(L)'
;SAMYSTNAYAELAGPPKIFCKSVSKDPDFRLKQIDYVIPVQQDRSICMNNPLLDISDGFFTYIHYEGINSCKKSDSFKVL
LSHGEIVDRGDYRPSLYLLSSHYHPYSMQVINCVPVTCNQSSFVFCHISNNTKTLDNSDYSSDEYYITYFNGIDRPKTKK
IPINNMTADNRYIHFTFSGGGGVCLGEEFIIPVTTVINTDVFTHDYCESFNCSVQTGKSLKEICSESLRSPTNSSRYNLN
GIMIISQNNMTDFKIQLNGITYNKLSFGSPGRLSKTLGQVLYYQSSMSWDTYLKAGFVEKWKPFTPNWMNNTVISRPNQG
NCPRYHKCPEICYGGTYNDIAPLDLGKDMYVSVILDSDQLAENPEITVFNSTTILYKERVSKDELNTRSTTTSCFLFLDE
PWCISVLETNRFNGKSIRPEIYSYKIPKYC
;
A,C
2 'polypeptide(L)'
;SIVLEPIYWQSSNSKFLPGQGLVLYPQIGDKLDIICPKVDSKTVGQYEYYKVYMVDKDQADRCTIKKENTPLLNCAKPDQ
DIKFTIKFQEFSPNLWGLEFQKNKDYYIISTSNGSLEGLDNQEGGVCQTRAMKILMKVGQDASS
;
B,D
#
# COMPACT_ATOMS: atom_id res chain seq x y z
N SER A 1 -55.31 -3.79 -8.62
CA SER A 1 -54.34 -2.78 -8.18
C SER A 1 -53.33 -2.39 -9.29
N ALA A 2 -53.13 -1.08 -9.47
CA ALA A 2 -52.26 -0.57 -10.55
C ALA A 2 -50.76 -0.58 -10.27
N MET A 3 -50.37 -0.99 -9.05
CA MET A 3 -48.95 -1.11 -8.73
C MET A 3 -48.31 -2.43 -9.17
N TYR A 4 -49.14 -3.44 -9.41
CA TYR A 4 -48.67 -4.79 -9.70
C TYR A 4 -48.27 -5.01 -11.15
N SER A 5 -47.26 -5.87 -11.35
CA SER A 5 -46.87 -6.38 -12.67
C SER A 5 -46.39 -7.82 -12.52
N THR A 6 -46.59 -8.64 -13.56
CA THR A 6 -45.99 -9.97 -13.58
C THR A 6 -44.50 -9.81 -13.94
N ASN A 7 -43.67 -10.74 -13.49
CA ASN A 7 -42.24 -10.64 -13.77
C ASN A 7 -41.95 -10.97 -15.23
N ALA A 8 -41.17 -10.09 -15.85
CA ALA A 8 -40.81 -10.23 -17.24
C ALA A 8 -39.59 -11.12 -17.43
N TYR A 9 -38.91 -11.45 -16.33
CA TYR A 9 -37.74 -12.33 -16.37
C TYR A 9 -38.12 -13.76 -15.98
N ALA A 10 -37.59 -14.72 -16.72
CA ALA A 10 -37.62 -16.12 -16.32
C ALA A 10 -36.29 -16.75 -16.73
N GLU A 11 -35.87 -17.78 -15.98
CA GLU A 11 -34.66 -18.51 -16.33
C GLU A 11 -34.89 -19.20 -17.67
N LEU A 12 -33.93 -19.09 -18.59
CA LEU A 12 -34.14 -19.73 -19.87
C LEU A 12 -34.13 -21.22 -19.59
N ALA A 13 -35.27 -21.85 -19.85
CA ALA A 13 -35.49 -23.24 -19.45
C ALA A 13 -36.81 -23.76 -20.03
N GLY A 14 -37.19 -24.97 -19.64
CA GLY A 14 -38.48 -25.53 -20.01
C GLY A 14 -38.58 -25.82 -21.51
N PRO A 15 -39.80 -26.13 -21.99
CA PRO A 15 -40.03 -26.48 -23.40
C PRO A 15 -39.51 -25.38 -24.29
N PRO A 16 -38.69 -25.74 -25.28
CA PRO A 16 -37.98 -24.78 -26.14
C PRO A 16 -38.92 -23.77 -26.77
N LYS A 17 -38.56 -22.50 -26.80
CA LYS A 17 -39.36 -21.51 -27.51
C LYS A 17 -39.02 -21.64 -28.97
N ILE A 18 -39.58 -20.78 -29.81
CA ILE A 18 -39.27 -20.84 -31.25
C ILE A 18 -38.27 -19.75 -31.60
N PHE A 19 -37.13 -20.15 -32.15
CA PHE A 19 -36.14 -19.21 -32.64
C PHE A 19 -35.24 -19.91 -33.61
N CYS A 20 -34.29 -19.19 -34.20
CA CYS A 20 -33.53 -19.75 -35.30
C CYS A 20 -32.50 -20.72 -34.74
N LYS A 21 -32.73 -21.99 -35.08
CA LYS A 21 -31.90 -23.12 -34.68
C LYS A 21 -31.00 -23.66 -35.79
N SER A 22 -30.93 -22.95 -36.90
CA SER A 22 -30.06 -23.42 -37.96
C SER A 22 -29.17 -22.32 -38.54
N VAL A 23 -28.49 -22.61 -39.63
CA VAL A 23 -27.63 -21.61 -40.25
C VAL A 23 -28.44 -20.39 -40.71
N SER A 24 -27.82 -19.23 -40.65
CA SER A 24 -28.40 -18.00 -41.15
C SER A 24 -27.29 -17.07 -41.64
N LYS A 25 -27.50 -16.43 -42.80
CA LYS A 25 -26.44 -15.60 -43.39
C LYS A 25 -26.34 -14.17 -42.83
N ASP A 26 -27.47 -13.59 -42.44
CA ASP A 26 -27.44 -12.22 -41.89
C ASP A 26 -28.47 -12.08 -40.78
N PRO A 27 -28.14 -12.57 -39.58
CA PRO A 27 -29.14 -12.61 -38.49
C PRO A 27 -29.39 -11.23 -37.87
N ASP A 28 -30.60 -10.99 -37.38
CA ASP A 28 -30.88 -9.76 -36.66
C ASP A 28 -30.94 -10.01 -35.16
N PHE A 29 -29.90 -9.54 -34.45
CA PHE A 29 -29.78 -9.79 -33.01
C PHE A 29 -30.45 -8.72 -32.17
N ARG A 30 -30.87 -7.64 -32.84
CA ARG A 30 -31.40 -6.44 -32.20
C ARG A 30 -30.39 -5.92 -31.18
N LEU A 31 -29.15 -5.76 -31.64
CA LEU A 31 -28.04 -5.48 -30.74
C LEU A 31 -28.05 -4.03 -30.25
N LYS A 32 -28.13 -3.86 -28.93
CA LYS A 32 -28.06 -2.52 -28.34
C LYS A 32 -27.06 -2.45 -27.16
N GLN A 33 -26.18 -1.45 -27.19
CA GLN A 33 -25.26 -1.20 -26.09
C GLN A 33 -25.98 -0.57 -24.88
N ILE A 34 -25.62 -0.99 -23.68
CA ILE A 34 -26.13 -0.37 -22.46
C ILE A 34 -25.00 0.39 -21.80
N ASP A 35 -25.02 1.71 -21.92
CA ASP A 35 -23.91 2.54 -21.43
C ASP A 35 -24.14 3.22 -20.10
N TYR A 36 -25.30 3.04 -19.48
CA TYR A 36 -25.56 3.87 -18.30
C TYR A 36 -25.24 3.20 -16.96
N VAL A 37 -24.91 1.90 -16.98
CA VAL A 37 -24.70 1.14 -15.72
C VAL A 37 -23.30 1.27 -15.11
N ILE A 38 -22.31 1.23 -15.97
CA ILE A 38 -20.91 1.27 -15.58
C ILE A 38 -20.44 2.70 -15.52
N PRO A 39 -19.76 3.07 -14.40
CA PRO A 39 -19.28 4.43 -14.14
C PRO A 39 -18.40 4.94 -15.25
N VAL A 40 -18.27 6.26 -15.30
CA VAL A 40 -17.38 6.88 -16.25
C VAL A 40 -16.38 7.70 -15.46
N GLN A 41 -15.13 7.73 -15.92
CA GLN A 41 -14.06 8.31 -15.14
C GLN A 41 -13.57 9.64 -15.70
N GLN A 42 -13.39 10.64 -14.84
CA GLN A 42 -12.86 11.93 -15.27
C GLN A 42 -11.38 11.84 -15.66
N ASP A 43 -10.63 11.04 -14.89
CA ASP A 43 -9.20 10.86 -15.15
C ASP A 43 -9.03 9.80 -16.24
N ARG A 44 -8.47 10.20 -17.39
CA ARG A 44 -8.40 9.31 -18.54
C ARG A 44 -7.35 8.23 -18.30
N SER A 45 -6.52 8.42 -17.29
CA SER A 45 -5.49 7.47 -16.93
C SER A 45 -6.05 6.34 -16.09
N ILE A 46 -7.20 6.52 -15.48
CA ILE A 46 -7.79 5.40 -14.75
C ILE A 46 -8.26 4.35 -15.74
N CYS A 47 -7.87 3.11 -15.50
CA CYS A 47 -8.27 1.97 -16.31
C CYS A 47 -9.25 1.09 -15.57
N MET A 48 -10.45 0.97 -16.14
CA MET A 48 -11.44 0.02 -15.67
C MET A 48 -11.33 -1.29 -16.49
N ASN A 49 -11.11 -2.40 -15.79
CA ASN A 49 -10.73 -3.66 -16.43
C ASN A 49 -11.32 -4.86 -15.75
N ASN A 50 -11.23 -6.01 -16.41
CA ASN A 50 -11.65 -7.27 -15.85
C ASN A 50 -13.06 -7.30 -15.34
N PRO A 51 -14.04 -6.95 -16.20
CA PRO A 51 -15.43 -6.97 -15.78
C PRO A 51 -15.95 -8.36 -15.55
N LEU A 52 -16.85 -8.50 -14.59
CA LEU A 52 -17.44 -9.77 -14.22
C LEU A 52 -18.93 -9.49 -14.03
N LEU A 53 -19.80 -10.36 -14.58
CA LEU A 53 -21.26 -10.17 -14.42
C LEU A 53 -22.02 -11.47 -14.19
N ASP A 54 -22.75 -11.58 -13.09
CA ASP A 54 -23.62 -12.74 -12.88
C ASP A 54 -25.08 -12.36 -12.86
N ILE A 55 -25.89 -12.97 -13.73
CA ILE A 55 -27.33 -12.72 -13.70
C ILE A 55 -28.06 -13.93 -13.14
N SER A 56 -28.87 -13.73 -12.12
CA SER A 56 -29.69 -14.83 -11.64
C SER A 56 -31.01 -14.33 -11.05
N ASP A 57 -32.08 -15.05 -11.34
CA ASP A 57 -33.41 -14.77 -10.79
C ASP A 57 -33.83 -13.30 -10.97
N GLY A 58 -33.49 -12.72 -12.12
CA GLY A 58 -33.90 -11.35 -12.43
C GLY A 58 -32.98 -10.28 -11.88
N PHE A 59 -32.04 -10.65 -11.02
CA PHE A 59 -31.11 -9.68 -10.41
C PHE A 59 -29.69 -9.94 -10.89
N PHE A 60 -28.84 -8.92 -10.84
CA PHE A 60 -27.48 -9.09 -11.34
C PHE A 60 -26.39 -8.54 -10.41
N THR A 61 -25.18 -9.09 -10.54
CA THR A 61 -24.03 -8.59 -9.80
C THR A 61 -22.91 -8.26 -10.75
N TYR A 62 -22.39 -7.05 -10.67
CA TYR A 62 -21.32 -6.58 -11.57
C TYR A 62 -20.08 -6.25 -10.75
N ILE A 63 -18.89 -6.50 -11.32
CA ILE A 63 -17.67 -6.21 -10.60
C ILE A 63 -16.70 -5.73 -11.62
N HIS A 64 -15.91 -4.72 -11.29
CA HIS A 64 -14.73 -4.48 -12.10
C HIS A 64 -13.55 -3.92 -11.31
N TYR A 65 -12.42 -3.70 -11.97
CA TYR A 65 -11.22 -3.25 -11.29
C TYR A 65 -10.74 -1.92 -11.84
N GLU A 66 -10.31 -1.04 -10.94
CA GLU A 66 -9.82 0.25 -11.34
C GLU A 66 -8.37 0.35 -10.91
N GLY A 67 -7.52 0.73 -11.87
CA GLY A 67 -6.11 0.93 -11.59
C GLY A 67 -5.49 2.04 -12.45
N ILE A 68 -4.37 2.61 -12.02
CA ILE A 68 -3.77 3.77 -12.68
C ILE A 68 -2.73 3.40 -13.72
N ASN A 69 -3.00 3.70 -14.98
CA ASN A 69 -2.09 3.38 -16.08
C ASN A 69 -1.77 1.89 -16.15
N SER A 70 -2.64 1.08 -15.55
CA SER A 70 -2.44 -0.34 -15.53
C SER A 70 -3.78 -1.03 -15.66
N CYS A 71 -3.88 -1.94 -16.62
CA CYS A 71 -5.10 -2.73 -16.71
C CYS A 71 -4.98 -4.08 -15.98
N LYS A 72 -3.85 -4.30 -15.30
CA LYS A 72 -3.67 -5.54 -14.56
C LYS A 72 -4.42 -5.53 -13.23
N LYS A 73 -5.13 -6.60 -12.99
CA LYS A 73 -5.95 -6.74 -11.81
C LYS A 73 -5.11 -6.55 -10.53
N SER A 74 -3.82 -6.84 -10.61
CA SER A 74 -2.97 -6.85 -9.43
C SER A 74 -2.63 -5.40 -9.03
N ASP A 75 -2.62 -4.51 -10.00
CA ASP A 75 -2.30 -3.12 -9.77
C ASP A 75 -3.50 -2.28 -9.37
N SER A 76 -4.62 -2.93 -9.10
CA SER A 76 -5.84 -2.20 -8.89
C SER A 76 -5.89 -1.54 -7.53
N PHE A 77 -6.16 -0.23 -7.53
CA PHE A 77 -6.40 0.50 -6.29
C PHE A 77 -7.85 0.31 -5.83
N LYS A 78 -8.81 0.27 -6.77
CA LYS A 78 -10.20 0.14 -6.31
C LYS A 78 -10.92 -0.96 -7.03
N VAL A 79 -11.72 -1.75 -6.31
CA VAL A 79 -12.56 -2.74 -7.00
C VAL A 79 -14.04 -2.49 -6.71
N LEU A 80 -14.78 -2.29 -7.79
CA LEU A 80 -16.19 -1.87 -7.73
C LEU A 80 -17.17 -3.01 -7.75
N LEU A 81 -18.11 -2.96 -6.81
CA LEU A 81 -19.16 -3.97 -6.70
C LEU A 81 -20.55 -3.35 -6.91
N SER A 82 -21.34 -3.93 -7.81
CA SER A 82 -22.64 -3.36 -8.18
C SER A 82 -23.76 -4.37 -8.10
N HIS A 83 -24.91 -3.94 -7.54
CA HIS A 83 -26.10 -4.80 -7.45
C HIS A 83 -27.20 -4.17 -8.25
N GLY A 84 -28.00 -5.02 -8.88
CA GLY A 84 -29.11 -4.51 -9.66
C GLY A 84 -30.22 -5.45 -10.08
N GLU A 85 -31.12 -4.91 -10.91
CA GLU A 85 -32.31 -5.62 -11.32
C GLU A 85 -32.48 -5.58 -12.83
N ILE A 86 -33.15 -6.62 -13.32
CA ILE A 86 -33.52 -6.68 -14.72
C ILE A 86 -34.99 -6.31 -14.83
N VAL A 87 -35.29 -5.31 -15.66
CA VAL A 87 -36.62 -4.74 -15.67
C VAL A 87 -37.19 -4.49 -17.06
N ASP A 88 -38.52 -4.45 -17.12
CA ASP A 88 -39.24 -4.09 -18.34
C ASP A 88 -39.53 -2.58 -18.34
N ARG A 89 -38.91 -1.83 -19.26
CA ARG A 89 -39.15 -0.40 -19.36
C ARG A 89 -40.22 -0.10 -20.44
N GLY A 90 -40.77 -1.17 -21.04
CA GLY A 90 -41.67 -1.05 -22.16
C GLY A 90 -40.90 -0.88 -23.44
N ASP A 91 -39.63 -1.19 -23.36
CA ASP A 91 -38.66 -1.00 -24.43
C ASP A 91 -38.78 -2.06 -25.53
N TYR A 92 -39.53 -3.13 -25.21
CA TYR A 92 -39.58 -4.39 -25.97
C TYR A 92 -38.22 -5.12 -25.91
N ARG A 93 -37.59 -5.08 -24.74
CA ARG A 93 -36.24 -5.56 -24.54
C ARG A 93 -35.92 -5.39 -23.06
N PRO A 94 -34.98 -6.19 -22.53
CA PRO A 94 -34.65 -6.13 -21.10
C PRO A 94 -33.75 -4.94 -20.76
N SER A 95 -33.86 -4.47 -19.53
CA SER A 95 -33.10 -3.30 -19.11
C SER A 95 -32.36 -3.57 -17.82
N LEU A 96 -31.20 -2.96 -17.67
CA LEU A 96 -30.46 -3.09 -16.42
C LEU A 96 -30.76 -1.92 -15.51
N TYR A 97 -31.26 -2.23 -14.32
CA TYR A 97 -31.52 -1.17 -13.34
C TYR A 97 -30.50 -1.32 -12.20
N LEU A 98 -29.70 -0.28 -12.00
CA LEU A 98 -28.63 -0.32 -11.01
C LEU A 98 -29.13 0.21 -9.66
N LEU A 99 -29.27 -0.69 -8.70
CA LEU A 99 -29.68 -0.36 -7.34
C LEU A 99 -28.56 0.14 -6.42
N SER A 100 -27.42 -0.57 -6.38
CA SER A 100 -26.36 -0.22 -5.41
C SER A 100 -24.97 -0.33 -5.99
N SER A 101 -24.07 0.47 -5.44
CA SER A 101 -22.64 0.40 -5.76
C SER A 101 -21.82 0.63 -4.52
N HIS A 102 -20.83 -0.23 -4.30
CA HIS A 102 -19.88 0.00 -3.22
C HIS A 102 -18.50 -0.45 -3.63
N TYR A 103 -17.47 0.12 -3.02
CA TYR A 103 -16.12 -0.32 -3.28
C TYR A 103 -15.75 -1.33 -2.22
N HIS A 104 -14.95 -2.30 -2.60
CA HIS A 104 -14.55 -3.33 -1.67
C HIS A 104 -13.70 -2.65 -0.58
N PRO A 105 -14.04 -2.94 0.69
CA PRO A 105 -13.32 -2.38 1.84
C PRO A 105 -11.82 -2.63 1.72
N TYR A 106 -11.49 -3.83 1.28
CA TYR A 106 -10.13 -4.34 1.19
C TYR A 106 -9.50 -4.16 -0.20
N SER A 107 -10.07 -3.30 -1.04
CA SER A 107 -9.66 -3.18 -2.45
C SER A 107 -8.14 -3.20 -2.76
N MET A 108 -7.32 -2.56 -1.93
CA MET A 108 -5.88 -2.53 -2.18
C MET A 108 -5.20 -3.89 -2.04
N GLN A 109 -5.78 -4.75 -1.21
CA GLN A 109 -5.30 -6.11 -0.95
C GLN A 109 -6.01 -7.23 -1.75
N VAL A 110 -6.85 -6.87 -2.72
CA VAL A 110 -7.67 -7.87 -3.41
C VAL A 110 -6.86 -8.59 -4.45
N ILE A 111 -6.74 -9.91 -4.30
CA ILE A 111 -6.13 -10.73 -5.35
C ILE A 111 -7.15 -11.12 -6.43
N ASN A 112 -8.30 -11.62 -5.98
CA ASN A 112 -9.31 -11.97 -6.98
C ASN A 112 -10.74 -12.09 -6.42
N CYS A 113 -11.73 -11.93 -7.27
CA CYS A 113 -13.13 -11.92 -6.85
C CYS A 113 -13.97 -12.75 -7.79
N VAL A 114 -15.01 -13.37 -7.25
CA VAL A 114 -16.00 -13.95 -8.11
C VAL A 114 -17.37 -13.57 -7.55
N PRO A 115 -18.27 -13.07 -8.43
CA PRO A 115 -19.67 -12.73 -8.10
C PRO A 115 -20.61 -13.92 -8.12
N VAL A 116 -21.60 -13.91 -7.23
CA VAL A 116 -22.80 -14.71 -7.45
C VAL A 116 -24.07 -14.00 -6.94
N THR A 117 -25.12 -13.99 -7.76
CA THR A 117 -26.38 -13.43 -7.35
C THR A 117 -27.24 -14.57 -6.83
N CYS A 118 -27.72 -14.43 -5.60
CA CYS A 118 -28.52 -15.45 -4.94
C CYS A 118 -29.63 -14.80 -4.14
N ASN A 119 -30.84 -15.38 -4.24
CA ASN A 119 -32.03 -14.88 -3.55
C ASN A 119 -32.19 -13.38 -3.68
N GLN A 120 -31.98 -12.89 -4.90
CA GLN A 120 -32.16 -11.48 -5.21
C GLN A 120 -31.15 -10.54 -4.58
N SER A 121 -30.15 -11.08 -3.90
CA SER A 121 -29.07 -10.25 -3.35
C SER A 121 -27.74 -10.59 -4.03
N SER A 122 -26.80 -9.63 -4.02
CA SER A 122 -25.46 -9.84 -4.56
C SER A 122 -24.47 -10.32 -3.51
N PHE A 123 -23.75 -11.37 -3.85
CA PHE A 123 -22.67 -11.84 -3.02
C PHE A 123 -21.38 -11.80 -3.82
N VAL A 124 -20.31 -11.39 -3.19
CA VAL A 124 -19.01 -11.37 -3.81
C VAL A 124 -18.01 -12.14 -2.95
N PHE A 125 -17.28 -13.07 -3.57
CA PHE A 125 -16.30 -13.90 -2.86
C PHE A 125 -14.90 -13.46 -3.23
N CYS A 126 -14.13 -13.04 -2.22
CA CYS A 126 -12.84 -12.41 -2.48
C CYS A 126 -11.68 -13.08 -1.78
N HIS A 127 -10.55 -13.08 -2.48
CA HIS A 127 -9.29 -13.53 -1.94
C HIS A 127 -8.41 -12.29 -1.76
N ILE A 128 -8.13 -12.02 -0.46
CA ILE A 128 -7.36 -10.88 0.05
C ILE A 128 -5.95 -11.25 0.57
N SER A 129 -4.97 -10.44 0.18
CA SER A 129 -3.58 -10.67 0.61
C SER A 129 -2.69 -9.43 0.67
N ASN A 130 -1.80 -9.43 1.67
CA ASN A 130 -0.77 -8.41 1.81
C ASN A 130 0.39 -8.67 0.84
N ASN A 131 0.31 -9.80 0.14
CA ASN A 131 1.37 -10.24 -0.75
C ASN A 131 0.87 -10.47 -2.17
N THR A 132 1.31 -9.64 -3.12
CA THR A 132 0.87 -9.77 -4.51
C THR A 132 1.28 -11.08 -5.16
N LYS A 133 2.38 -11.65 -4.67
CA LYS A 133 2.91 -12.89 -5.24
C LYS A 133 2.40 -14.11 -4.48
N THR A 134 1.43 -13.91 -3.61
CA THR A 134 0.98 -14.93 -2.71
C THR A 134 0.68 -16.29 -3.37
N LEU A 135 0.30 -16.33 -4.65
CA LEU A 135 0.03 -17.62 -5.31
C LEU A 135 1.29 -18.40 -5.71
N ASP A 136 2.40 -17.67 -5.80
CA ASP A 136 3.69 -18.23 -6.19
C ASP A 136 4.49 -18.68 -4.95
N ASN A 137 4.79 -17.73 -4.06
CA ASN A 137 5.63 -18.00 -2.89
C ASN A 137 4.94 -18.21 -1.54
N SER A 138 3.62 -18.22 -1.50
CA SER A 138 2.94 -18.33 -0.21
C SER A 138 1.87 -19.42 -0.14
N ASP A 139 1.07 -19.40 0.91
CA ASP A 139 0.06 -20.42 1.13
C ASP A 139 -1.23 -19.78 1.65
N TYR A 140 -2.31 -20.55 1.71
CA TYR A 140 -3.59 -19.90 2.01
C TYR A 140 -3.84 -19.49 3.45
N SER A 141 -3.04 -20.04 4.36
CA SER A 141 -3.17 -19.69 5.77
C SER A 141 -2.65 -18.27 5.99
N SER A 142 -1.78 -17.82 5.10
CA SER A 142 -1.27 -16.47 5.19
C SER A 142 -2.23 -15.43 4.63
N ASP A 143 -3.30 -15.85 3.97
CA ASP A 143 -4.20 -14.90 3.34
C ASP A 143 -5.57 -14.95 3.99
N GLU A 144 -6.48 -14.09 3.55
CA GLU A 144 -7.85 -14.10 4.06
C GLU A 144 -8.86 -14.20 2.92
N TYR A 145 -10.03 -14.74 3.22
CA TYR A 145 -11.07 -14.90 2.20
C TYR A 145 -12.41 -14.41 2.73
N TYR A 146 -13.08 -13.55 1.98
CA TYR A 146 -14.28 -12.91 2.49
C TYR A 146 -15.49 -13.08 1.59
N ILE A 147 -16.68 -13.02 2.19
CA ILE A 147 -17.92 -12.85 1.45
C ILE A 147 -18.47 -11.46 1.73
N THR A 148 -18.46 -10.59 0.74
CA THR A 148 -19.16 -9.33 0.88
C THR A 148 -20.55 -9.50 0.31
N TYR A 149 -21.57 -9.01 0.99
CA TYR A 149 -22.91 -9.14 0.44
C TYR A 149 -23.82 -7.96 0.72
N PHE A 150 -24.67 -7.68 -0.25
CA PHE A 150 -25.60 -6.57 -0.12
C PHE A 150 -26.73 -6.64 -1.14
N ASN A 151 -27.62 -5.66 -1.07
CA ASN A 151 -28.76 -5.59 -1.98
C ASN A 151 -29.16 -4.15 -2.18
N GLY A 152 -30.35 -3.93 -2.72
CA GLY A 152 -30.86 -2.59 -2.96
C GLY A 152 -30.95 -1.69 -1.75
N ILE A 153 -31.63 -2.17 -0.71
CA ILE A 153 -31.83 -1.41 0.52
C ILE A 153 -30.65 -1.43 1.49
N ASP A 154 -30.11 -2.62 1.73
CA ASP A 154 -29.12 -2.85 2.79
C ASP A 154 -27.74 -2.28 2.46
N ARG A 155 -26.99 -1.97 3.52
CA ARG A 155 -25.60 -1.58 3.36
C ARG A 155 -24.74 -2.84 3.42
N PRO A 156 -23.60 -2.82 2.71
CA PRO A 156 -22.83 -4.06 2.53
C PRO A 156 -22.31 -4.61 3.85
N LYS A 157 -22.50 -5.90 4.05
CA LYS A 157 -21.87 -6.58 5.16
C LYS A 157 -20.78 -7.49 4.58
N THR A 158 -19.53 -7.35 5.03
CA THR A 158 -18.51 -8.27 4.58
C THR A 158 -18.00 -9.16 5.73
N LYS A 159 -18.20 -10.46 5.59
CA LYS A 159 -17.86 -11.43 6.63
C LYS A 159 -16.68 -12.33 6.23
N LYS A 160 -15.85 -12.71 7.19
CA LYS A 160 -14.69 -13.55 6.93
C LYS A 160 -15.01 -15.05 6.88
N ILE A 161 -14.46 -15.72 5.87
CA ILE A 161 -14.70 -17.15 5.75
C ILE A 161 -13.69 -17.93 6.61
N PRO A 162 -14.22 -18.76 7.52
CA PRO A 162 -13.38 -19.61 8.37
C PRO A 162 -12.70 -20.71 7.56
N ILE A 163 -11.64 -20.33 6.87
CA ILE A 163 -10.89 -21.28 6.05
C ILE A 163 -10.24 -22.31 6.95
N ASN A 164 -9.92 -21.90 8.18
CA ASN A 164 -9.38 -22.81 9.18
C ASN A 164 -10.24 -24.05 9.36
N ASN A 165 -11.55 -23.89 9.18
CA ASN A 165 -12.53 -24.97 9.35
C ASN A 165 -12.86 -25.76 8.07
N MET A 166 -12.14 -25.49 6.98
CA MET A 166 -12.42 -26.15 5.69
C MET A 166 -11.87 -27.57 5.59
N THR A 167 -12.45 -28.40 4.73
CA THR A 167 -11.93 -29.72 4.44
C THR A 167 -11.64 -29.85 2.95
N ALA A 168 -10.45 -30.30 2.59
CA ALA A 168 -10.03 -30.33 1.20
C ALA A 168 -9.98 -31.78 0.73
N ASP A 169 -10.15 -31.99 -0.56
CA ASP A 169 -10.16 -33.35 -1.08
C ASP A 169 -8.73 -33.76 -1.47
N ASN A 170 -7.79 -32.84 -1.35
CA ASN A 170 -6.39 -33.14 -1.66
C ASN A 170 -5.48 -32.19 -0.85
N ARG A 171 -4.16 -32.27 -0.98
CA ARG A 171 -3.35 -31.42 -0.09
C ARG A 171 -2.83 -30.19 -0.82
N TYR A 172 -3.51 -29.08 -0.60
CA TYR A 172 -3.27 -27.91 -1.43
C TYR A 172 -2.58 -26.90 -0.56
N ILE A 173 -1.54 -26.26 -1.08
CA ILE A 173 -1.00 -25.17 -0.31
C ILE A 173 -1.78 -23.90 -0.48
N HIS A 174 -2.39 -23.70 -1.64
CA HIS A 174 -3.04 -22.42 -1.89
C HIS A 174 -4.23 -22.56 -2.80
N PHE A 175 -5.17 -21.62 -2.72
CA PHE A 175 -6.27 -21.53 -3.69
C PHE A 175 -6.72 -20.09 -3.83
N THR A 176 -7.24 -19.74 -4.99
CA THR A 176 -7.79 -18.42 -5.20
C THR A 176 -9.19 -18.53 -5.78
N PHE A 177 -10.03 -17.53 -5.55
CA PHE A 177 -11.32 -17.50 -6.20
C PHE A 177 -11.10 -16.97 -7.62
N SER A 178 -11.39 -17.76 -8.63
CA SER A 178 -11.13 -17.30 -9.98
C SER A 178 -12.20 -17.63 -11.04
N GLY A 179 -12.82 -16.59 -11.60
CA GLY A 179 -13.78 -16.81 -12.65
C GLY A 179 -14.88 -15.78 -12.81
N GLY A 180 -15.70 -16.01 -13.84
CA GLY A 180 -16.78 -15.11 -14.19
C GLY A 180 -18.01 -15.21 -13.31
N GLY A 181 -18.17 -16.30 -12.58
CA GLY A 181 -19.23 -16.34 -11.58
C GLY A 181 -19.51 -17.71 -11.01
N GLY A 182 -20.18 -17.71 -9.86
CA GLY A 182 -20.57 -18.95 -9.22
C GLY A 182 -22.07 -19.12 -9.22
N VAL A 183 -22.55 -20.08 -8.44
CA VAL A 183 -23.98 -20.31 -8.32
C VAL A 183 -24.36 -20.59 -6.86
N CYS A 184 -25.65 -20.54 -6.56
CA CYS A 184 -26.14 -21.06 -5.27
C CYS A 184 -27.23 -22.09 -5.52
N LEU A 185 -27.07 -23.24 -4.87
CA LEU A 185 -28.03 -24.33 -4.97
C LEU A 185 -28.42 -24.69 -3.56
N GLY A 186 -29.67 -24.42 -3.20
CA GLY A 186 -30.12 -24.56 -1.83
C GLY A 186 -29.34 -23.66 -0.89
N GLU A 187 -28.80 -24.26 0.17
CA GLU A 187 -28.09 -23.52 1.20
C GLU A 187 -26.62 -23.37 0.87
N GLU A 188 -26.21 -23.92 -0.27
CA GLU A 188 -24.81 -23.97 -0.66
C GLU A 188 -24.47 -22.95 -1.74
N PHE A 189 -23.34 -22.26 -1.57
CA PHE A 189 -22.71 -21.51 -2.66
C PHE A 189 -21.64 -22.41 -3.28
N ILE A 190 -21.47 -22.36 -4.60
CA ILE A 190 -20.40 -23.09 -5.26
C ILE A 190 -19.65 -22.12 -6.16
N ILE A 191 -18.35 -21.98 -5.88
CA ILE A 191 -17.58 -20.92 -6.50
C ILE A 191 -16.40 -21.57 -7.19
N PRO A 192 -16.06 -21.11 -8.40
CA PRO A 192 -14.89 -21.67 -9.09
C PRO A 192 -13.56 -21.20 -8.46
N VAL A 193 -12.64 -22.14 -8.23
CA VAL A 193 -11.35 -21.81 -7.64
C VAL A 193 -10.21 -22.38 -8.45
N THR A 194 -9.07 -21.72 -8.38
CA THR A 194 -7.87 -22.34 -8.91
C THR A 194 -7.02 -22.66 -7.70
N THR A 195 -6.65 -23.93 -7.60
CA THR A 195 -5.87 -24.43 -6.46
C THR A 195 -4.41 -24.64 -6.81
N VAL A 196 -3.58 -24.50 -5.80
CA VAL A 196 -2.16 -24.74 -5.94
C VAL A 196 -1.69 -25.93 -5.13
N ILE A 197 -0.90 -26.79 -5.77
CA ILE A 197 -0.36 -28.01 -5.12
C ILE A 197 1.14 -28.14 -5.40
N ASN A 198 1.87 -28.74 -4.47
CA ASN A 198 3.35 -28.86 -4.56
C ASN A 198 3.89 -30.11 -5.23
N THR A 199 3.03 -31.10 -5.41
CA THR A 199 3.45 -32.41 -5.93
C THR A 199 2.67 -32.76 -7.18
N ASP A 200 3.27 -33.48 -8.12
CA ASP A 200 2.57 -33.79 -9.34
C ASP A 200 1.78 -35.06 -9.05
N VAL A 201 0.51 -34.85 -8.75
CA VAL A 201 -0.44 -35.86 -8.31
C VAL A 201 -1.32 -36.30 -9.46
N PHE A 202 -1.00 -35.81 -10.65
CA PHE A 202 -1.95 -35.78 -11.78
C PHE A 202 -1.72 -36.80 -12.86
N THR A 203 -2.80 -37.26 -13.47
CA THR A 203 -2.69 -38.12 -14.64
C THR A 203 -3.14 -37.40 -15.92
N HIS A 204 -2.41 -37.53 -17.02
CA HIS A 204 -2.98 -37.03 -18.25
C HIS A 204 -3.13 -38.07 -19.34
N ASP A 205 -4.29 -38.72 -19.39
CA ASP A 205 -4.47 -39.79 -20.36
C ASP A 205 -4.77 -39.14 -21.69
N TYR A 206 -5.69 -38.18 -21.64
CA TYR A 206 -6.15 -37.43 -22.81
C TYR A 206 -4.99 -36.77 -23.49
N CYS A 207 -4.22 -36.03 -22.72
CA CYS A 207 -3.10 -35.35 -23.30
C CYS A 207 -2.14 -36.35 -23.92
N GLU A 208 -1.97 -37.49 -23.26
CA GLU A 208 -1.04 -38.51 -23.74
C GLU A 208 -1.51 -39.25 -25.02
N SER A 209 -2.81 -39.22 -25.31
CA SER A 209 -3.36 -39.85 -26.52
C SER A 209 -3.06 -39.14 -27.83
N PHE A 210 -2.52 -37.93 -27.77
CA PHE A 210 -2.28 -37.18 -29.00
C PHE A 210 -1.04 -37.68 -29.74
N ASN A 211 -1.10 -37.71 -31.05
CA ASN A 211 0.14 -37.94 -31.79
C ASN A 211 0.44 -36.82 -32.77
N CYS A 212 1.44 -36.01 -32.44
CA CYS A 212 1.89 -34.91 -33.29
C CYS A 212 3.21 -34.33 -32.81
N SER A 213 3.73 -33.35 -33.52
CA SER A 213 5.06 -32.82 -33.24
C SER A 213 5.21 -32.28 -31.82
N VAL A 214 6.21 -32.80 -31.12
CA VAL A 214 6.52 -32.27 -29.80
C VAL A 214 7.96 -31.83 -29.71
N GLN A 215 8.26 -31.02 -28.69
CA GLN A 215 9.58 -30.48 -28.47
C GLN A 215 10.60 -31.63 -28.39
N THR A 216 11.63 -31.54 -29.23
CA THR A 216 12.60 -32.62 -29.33
C THR A 216 13.36 -32.78 -28.02
N GLY A 217 13.65 -34.02 -27.66
CA GLY A 217 14.34 -34.31 -26.41
C GLY A 217 13.39 -34.48 -25.25
N LYS A 218 12.11 -34.25 -25.49
CA LYS A 218 11.14 -34.37 -24.43
C LYS A 218 10.06 -35.38 -24.80
N SER A 219 9.70 -36.22 -23.84
CA SER A 219 8.63 -37.17 -24.06
C SER A 219 7.27 -36.48 -23.97
N LEU A 220 6.28 -37.09 -24.60
CA LEU A 220 4.91 -36.60 -24.48
C LEU A 220 4.52 -36.54 -23.00
N LYS A 221 4.73 -37.61 -22.24
CA LYS A 221 4.34 -37.67 -20.82
C LYS A 221 4.94 -36.53 -20.02
N GLU A 222 6.20 -36.22 -20.31
CA GLU A 222 6.90 -35.12 -19.67
C GLU A 222 6.16 -33.80 -19.95
N ILE A 223 5.84 -33.59 -21.22
CA ILE A 223 5.13 -32.39 -21.63
C ILE A 223 3.75 -32.26 -20.96
N CYS A 224 2.93 -33.30 -21.08
CA CYS A 224 1.63 -33.32 -20.41
C CYS A 224 1.72 -33.06 -18.92
N SER A 225 2.78 -33.54 -18.28
CA SER A 225 2.93 -33.32 -16.86
C SER A 225 3.35 -31.88 -16.55
N GLU A 226 4.33 -31.40 -17.29
CA GLU A 226 4.93 -30.11 -17.02
C GLU A 226 4.03 -28.96 -17.45
N SER A 227 3.02 -29.28 -18.25
CA SER A 227 2.10 -28.25 -18.75
C SER A 227 1.12 -27.73 -17.67
N LEU A 228 0.99 -28.44 -16.56
CA LEU A 228 0.17 -27.99 -15.47
C LEU A 228 0.94 -27.15 -14.44
N ARG A 229 2.21 -26.90 -14.71
CA ARG A 229 3.02 -26.14 -13.76
C ARG A 229 2.78 -24.64 -13.91
N SER A 230 2.73 -23.94 -12.79
CA SER A 230 2.75 -22.48 -12.81
C SER A 230 4.01 -22.00 -13.50
N PRO A 231 3.85 -21.25 -14.59
CA PRO A 231 5.03 -20.79 -15.34
C PRO A 231 5.88 -19.83 -14.51
N THR A 232 5.33 -19.34 -13.42
CA THR A 232 6.09 -18.51 -12.49
C THR A 232 6.90 -19.27 -11.45
N ASN A 233 6.32 -20.32 -10.88
CA ASN A 233 7.04 -21.21 -9.98
C ASN A 233 6.85 -22.67 -10.40
N SER A 234 7.92 -23.28 -10.93
CA SER A 234 7.84 -24.62 -11.50
C SER A 234 7.67 -25.70 -10.43
N SER A 235 7.71 -25.30 -9.17
CA SER A 235 7.52 -26.25 -8.10
C SER A 235 6.04 -26.36 -7.76
N ARG A 236 5.21 -25.51 -8.37
CA ARG A 236 3.77 -25.53 -8.08
C ARG A 236 2.92 -25.94 -9.29
N TYR A 237 1.81 -26.61 -9.03
CA TYR A 237 0.84 -27.04 -10.06
C TYR A 237 -0.47 -26.29 -9.83
N ASN A 238 -1.13 -25.88 -10.90
CA ASN A 238 -2.39 -25.17 -10.77
C ASN A 238 -3.52 -25.97 -11.34
N LEU A 239 -4.45 -26.36 -10.47
CA LEU A 239 -5.53 -27.27 -10.84
C LEU A 239 -6.85 -26.60 -10.50
N ASN A 240 -7.78 -26.56 -11.44
CA ASN A 240 -9.09 -25.95 -11.15
C ASN A 240 -9.91 -26.79 -10.21
N GLY A 241 -10.85 -26.19 -9.51
CA GLY A 241 -11.70 -26.92 -8.60
C GLY A 241 -12.85 -26.01 -8.19
N ILE A 242 -13.61 -26.40 -7.18
CA ILE A 242 -14.70 -25.59 -6.67
C ILE A 242 -14.65 -25.51 -5.15
N MET A 243 -15.20 -24.43 -4.61
CA MET A 243 -15.41 -24.36 -3.17
C MET A 243 -16.91 -24.39 -2.91
N ILE A 244 -17.31 -25.30 -2.03
CA ILE A 244 -18.70 -25.42 -1.62
C ILE A 244 -18.84 -24.86 -0.20
N ILE A 245 -19.70 -23.86 -0.05
CA ILE A 245 -19.87 -23.21 1.23
C ILE A 245 -21.31 -23.34 1.71
N SER A 246 -21.49 -23.90 2.91
CA SER A 246 -22.82 -24.02 3.50
C SER A 246 -22.94 -22.93 4.54
N GLN A 247 -24.13 -22.39 4.70
CA GLN A 247 -24.31 -21.30 5.62
C GLN A 247 -25.74 -21.28 6.20
N ASN A 248 -25.88 -20.73 7.39
CA ASN A 248 -27.18 -20.46 7.92
C ASN A 248 -27.21 -19.00 8.35
N ASN A 249 -27.99 -18.19 7.62
CA ASN A 249 -27.98 -16.75 7.86
C ASN A 249 -26.57 -16.19 8.02
N MET A 250 -25.68 -16.59 7.10
CA MET A 250 -24.28 -16.18 7.12
C MET A 250 -23.60 -16.51 8.43
N THR A 251 -24.05 -17.58 9.06
CA THR A 251 -23.38 -18.08 10.24
C THR A 251 -23.21 -19.57 10.09
N ASP A 252 -22.36 -20.13 10.93
CA ASP A 252 -22.17 -21.57 10.98
C ASP A 252 -21.79 -22.10 9.60
N PHE A 253 -20.58 -21.75 9.14
CA PHE A 253 -20.13 -22.18 7.83
C PHE A 253 -19.58 -23.60 7.82
N LYS A 254 -19.87 -24.32 6.74
CA LYS A 254 -19.22 -25.59 6.46
C LYS A 254 -18.62 -25.48 5.05
N ILE A 255 -17.31 -25.64 4.93
CA ILE A 255 -16.65 -25.38 3.65
C ILE A 255 -15.87 -26.59 3.14
N GLN A 256 -16.07 -26.93 1.87
CA GLN A 256 -15.27 -27.98 1.26
C GLN A 256 -14.56 -27.43 0.02
N LEU A 257 -13.32 -27.87 -0.21
CA LEU A 257 -12.55 -27.45 -1.37
C LEU A 257 -12.22 -28.67 -2.20
N ASN A 258 -12.86 -28.80 -3.37
CA ASN A 258 -12.64 -29.99 -4.19
C ASN A 258 -11.98 -29.67 -5.50
N GLY A 259 -11.23 -30.61 -6.06
CA GLY A 259 -10.57 -30.37 -7.31
C GLY A 259 -11.42 -30.90 -8.44
N ILE A 260 -11.15 -30.40 -9.64
CA ILE A 260 -11.91 -30.83 -10.81
C ILE A 260 -11.50 -32.25 -11.22
N THR A 261 -12.35 -32.92 -11.99
CA THR A 261 -12.05 -34.27 -12.49
C THR A 261 -10.71 -34.30 -13.23
N TYR A 262 -10.01 -35.42 -13.17
CA TYR A 262 -8.69 -35.50 -13.80
C TYR A 262 -8.84 -35.86 -15.24
N ASN A 263 -10.09 -36.07 -15.67
CA ASN A 263 -10.38 -36.30 -17.06
C ASN A 263 -10.16 -35.01 -17.87
N LYS A 264 -9.28 -35.10 -18.85
CA LYS A 264 -8.87 -33.94 -19.66
C LYS A 264 -8.49 -32.70 -18.83
N LEU A 265 -7.42 -32.76 -18.04
CA LEU A 265 -7.05 -31.63 -17.21
C LEU A 265 -6.46 -30.59 -18.11
N SER A 266 -6.74 -29.32 -17.80
CA SER A 266 -6.07 -28.20 -18.44
C SER A 266 -5.53 -27.30 -17.35
N PHE A 267 -4.44 -26.60 -17.66
CA PHE A 267 -3.79 -25.71 -16.70
C PHE A 267 -4.79 -24.77 -16.08
N GLY A 268 -4.65 -24.54 -14.79
CA GLY A 268 -5.60 -23.73 -14.04
C GLY A 268 -5.78 -22.36 -14.63
N SER A 269 -7.05 -22.04 -14.88
CA SER A 269 -7.48 -20.79 -15.52
C SER A 269 -8.82 -20.44 -14.90
N PRO A 270 -9.23 -19.16 -15.06
CA PRO A 270 -10.56 -18.74 -14.59
C PRO A 270 -11.68 -19.52 -15.24
N GLY A 271 -12.58 -20.04 -14.41
CA GLY A 271 -13.76 -20.76 -14.85
C GLY A 271 -15.07 -20.06 -14.56
N ARG A 272 -16.20 -20.76 -14.69
CA ARG A 272 -17.49 -20.20 -14.30
C ARG A 272 -18.48 -21.31 -14.04
N LEU A 273 -19.37 -21.12 -13.07
CA LEU A 273 -20.52 -22.00 -12.93
C LEU A 273 -21.80 -21.21 -13.15
N SER A 274 -22.70 -21.68 -14.01
CA SER A 274 -23.96 -20.94 -14.17
C SER A 274 -25.15 -21.88 -14.22
N LYS A 275 -26.31 -21.40 -13.77
CA LYS A 275 -27.52 -22.21 -13.90
C LYS A 275 -28.20 -21.96 -15.27
N THR A 276 -28.39 -23.04 -16.04
CA THR A 276 -29.11 -22.93 -17.32
C THR A 276 -29.84 -24.21 -17.67
N LEU A 277 -31.01 -24.05 -18.28
CA LEU A 277 -31.75 -25.14 -18.89
C LEU A 277 -31.94 -26.26 -17.90
N GLY A 278 -32.06 -25.89 -16.63
CA GLY A 278 -32.30 -26.85 -15.58
C GLY A 278 -31.06 -27.60 -15.16
N GLN A 279 -29.94 -27.29 -15.79
CA GLN A 279 -28.67 -27.91 -15.51
C GLN A 279 -27.71 -26.90 -14.88
N VAL A 280 -26.48 -27.33 -14.62
CA VAL A 280 -25.43 -26.42 -14.19
C VAL A 280 -24.27 -26.53 -15.15
N LEU A 281 -23.78 -25.40 -15.63
CA LEU A 281 -22.73 -25.42 -16.65
C LEU A 281 -21.39 -24.98 -16.07
N TYR A 282 -20.34 -25.70 -16.42
CA TYR A 282 -19.00 -25.26 -16.07
C TYR A 282 -18.27 -24.85 -17.32
N TYR A 283 -17.64 -23.69 -17.25
CA TYR A 283 -16.78 -23.26 -18.33
C TYR A 283 -15.34 -23.09 -17.82
N GLN A 284 -14.35 -23.42 -18.65
CA GLN A 284 -12.96 -23.15 -18.30
C GLN A 284 -12.25 -22.46 -19.44
N SER A 285 -11.55 -21.38 -19.17
CA SER A 285 -10.78 -20.73 -20.23
C SER A 285 -9.69 -21.66 -20.72
N SER A 286 -9.29 -21.53 -21.98
CA SER A 286 -8.20 -22.37 -22.41
C SER A 286 -6.92 -21.57 -22.44
N MET A 287 -6.13 -21.74 -21.38
CA MET A 287 -4.86 -21.03 -21.19
C MET A 287 -3.57 -21.79 -21.50
N SER A 288 -3.70 -23.01 -22.00
CA SER A 288 -2.60 -23.95 -22.22
C SER A 288 -2.66 -24.49 -23.67
N TRP A 289 -1.99 -25.61 -23.96
CA TRP A 289 -1.91 -26.16 -25.33
C TRP A 289 -3.26 -26.50 -26.04
N ASP A 290 -4.32 -26.89 -25.32
CA ASP A 290 -5.58 -27.23 -26.01
C ASP A 290 -6.50 -26.00 -26.14
N THR A 291 -6.58 -25.47 -27.35
CA THR A 291 -7.17 -24.15 -27.52
C THR A 291 -8.67 -24.16 -27.87
N TYR A 292 -9.28 -25.32 -27.96
CA TYR A 292 -10.70 -25.40 -28.22
C TYR A 292 -11.52 -25.22 -26.95
N LEU A 293 -12.76 -24.80 -27.13
CA LEU A 293 -13.65 -24.47 -26.03
C LEU A 293 -13.69 -25.58 -25.00
N LYS A 294 -13.51 -25.24 -23.74
CA LYS A 294 -13.56 -26.22 -22.68
C LYS A 294 -14.75 -25.95 -21.79
N ALA A 295 -15.80 -26.76 -21.92
CA ALA A 295 -17.03 -26.52 -21.15
C ALA A 295 -17.87 -27.79 -21.06
N GLY A 296 -18.80 -27.81 -20.12
CA GLY A 296 -19.72 -28.95 -20.05
C GLY A 296 -20.73 -28.83 -18.92
N PHE A 297 -21.83 -29.57 -19.02
CA PHE A 297 -22.81 -29.60 -17.95
C PHE A 297 -22.27 -30.46 -16.83
N VAL A 298 -22.74 -30.29 -15.61
CA VAL A 298 -22.10 -30.98 -14.49
C VAL A 298 -22.80 -32.29 -14.24
N GLU A 299 -22.15 -33.43 -14.53
CA GLU A 299 -22.81 -34.72 -14.28
C GLU A 299 -22.58 -35.31 -12.91
N LYS A 300 -21.53 -34.87 -12.23
CA LYS A 300 -21.22 -35.37 -10.89
C LYS A 300 -20.52 -34.29 -10.09
N TRP A 301 -20.90 -34.14 -8.82
CA TRP A 301 -20.25 -33.14 -7.95
C TRP A 301 -18.97 -33.61 -7.28
N LYS A 302 -18.93 -34.89 -6.93
CA LYS A 302 -17.82 -35.45 -6.16
C LYS A 302 -17.28 -36.71 -6.81
N PRO A 303 -16.20 -36.59 -7.58
CA PRO A 303 -15.45 -35.38 -7.87
C PRO A 303 -16.19 -34.46 -8.86
N PHE A 304 -15.80 -33.19 -8.90
CA PHE A 304 -16.50 -32.25 -9.74
C PHE A 304 -16.21 -32.55 -11.21
N THR A 305 -17.26 -32.93 -11.93
CA THR A 305 -17.13 -33.56 -13.25
C THR A 305 -18.08 -32.97 -14.30
N PRO A 306 -17.60 -31.97 -15.02
CA PRO A 306 -18.33 -31.55 -16.20
C PRO A 306 -18.13 -32.56 -17.33
N ASN A 307 -19.15 -32.77 -18.14
CA ASN A 307 -19.02 -33.67 -19.25
C ASN A 307 -18.56 -32.86 -20.44
N TRP A 308 -17.29 -33.01 -20.78
CA TRP A 308 -16.66 -32.04 -21.66
C TRP A 308 -17.23 -32.10 -23.07
N MET A 309 -17.68 -30.96 -23.54
CA MET A 309 -18.07 -30.80 -24.93
C MET A 309 -16.89 -31.19 -25.76
N ASN A 310 -17.16 -31.86 -26.88
CA ASN A 310 -16.11 -32.05 -27.85
C ASN A 310 -16.40 -31.07 -28.99
N ASN A 311 -15.69 -29.95 -29.04
CA ASN A 311 -16.06 -28.84 -29.90
C ASN A 311 -14.97 -28.51 -30.86
N THR A 312 -15.27 -28.63 -32.15
CA THR A 312 -14.26 -28.50 -33.19
C THR A 312 -14.19 -27.12 -33.90
N VAL A 313 -15.02 -26.18 -33.47
CA VAL A 313 -15.17 -24.87 -34.12
C VAL A 313 -14.71 -23.71 -33.25
N ILE A 314 -15.27 -23.59 -32.05
CA ILE A 314 -14.93 -22.49 -31.14
C ILE A 314 -13.53 -22.56 -30.51
N SER A 315 -12.78 -21.47 -30.62
CA SER A 315 -11.41 -21.42 -30.09
C SER A 315 -11.08 -20.00 -29.54
N ARG A 316 -9.81 -19.70 -29.32
CA ARG A 316 -9.45 -18.37 -28.82
C ARG A 316 -8.10 -17.93 -29.34
N PRO A 317 -7.85 -16.62 -29.38
CA PRO A 317 -6.52 -16.21 -29.82
C PRO A 317 -5.48 -16.39 -28.73
N ASN A 318 -4.23 -16.59 -29.14
CA ASN A 318 -3.09 -16.39 -28.27
C ASN A 318 -1.89 -16.22 -29.18
N GLN A 319 -0.83 -15.59 -28.69
CA GLN A 319 0.36 -15.35 -29.50
C GLN A 319 1.44 -16.42 -29.29
N GLY A 320 2.18 -16.74 -30.34
CA GLY A 320 3.25 -17.72 -30.21
C GLY A 320 2.88 -19.17 -30.42
N ASN A 321 3.43 -20.04 -29.58
CA ASN A 321 3.29 -21.48 -29.75
C ASN A 321 1.88 -22.06 -29.77
N CYS A 322 0.92 -21.41 -29.12
CA CYS A 322 -0.43 -21.97 -29.19
C CYS A 322 -1.48 -20.98 -29.63
N PRO A 323 -1.48 -20.64 -30.92
CA PRO A 323 -2.46 -19.69 -31.43
C PRO A 323 -3.79 -20.40 -31.64
N ARG A 324 -4.75 -19.73 -32.25
CA ARG A 324 -6.08 -20.30 -32.42
C ARG A 324 -6.04 -21.61 -33.18
N TYR A 325 -6.93 -22.53 -32.76
CA TYR A 325 -7.09 -23.85 -33.39
C TYR A 325 -5.87 -24.75 -33.23
N HIS A 326 -5.14 -24.61 -32.14
CA HIS A 326 -3.95 -25.41 -31.91
C HIS A 326 -4.35 -26.52 -30.95
N LYS A 327 -4.39 -27.75 -31.44
CA LYS A 327 -4.69 -28.91 -30.58
C LYS A 327 -3.51 -29.84 -30.14
N CYS A 328 -2.27 -29.45 -30.36
CA CYS A 328 -1.15 -30.31 -30.03
C CYS A 328 -0.45 -29.98 -28.71
N PRO A 329 -0.26 -30.98 -27.84
CA PRO A 329 0.31 -30.75 -26.50
C PRO A 329 1.65 -30.03 -26.46
N GLU A 330 1.74 -28.98 -25.64
CA GLU A 330 2.92 -28.13 -25.58
C GLU A 330 2.93 -27.47 -24.23
N ILE A 331 4.08 -26.96 -23.84
CA ILE A 331 4.13 -26.15 -22.65
C ILE A 331 4.07 -24.74 -23.16
N CYS A 332 2.89 -24.16 -23.01
CA CYS A 332 2.62 -22.80 -23.41
C CYS A 332 1.47 -22.28 -22.58
N TYR A 333 1.45 -20.96 -22.42
CA TYR A 333 0.48 -20.29 -21.58
C TYR A 333 -0.10 -19.08 -22.29
N GLY A 334 -1.42 -18.95 -22.20
CA GLY A 334 -2.08 -17.73 -22.63
C GLY A 334 -3.46 -18.02 -23.17
N GLY A 335 -4.21 -16.97 -23.49
CA GLY A 335 -5.52 -17.12 -24.09
C GLY A 335 -6.41 -16.04 -23.51
N THR A 336 -7.71 -16.09 -23.82
CA THR A 336 -8.64 -15.09 -23.32
C THR A 336 -9.80 -15.82 -22.73
N TYR A 337 -10.37 -15.28 -21.66
CA TYR A 337 -11.56 -15.90 -21.06
C TYR A 337 -12.72 -15.39 -21.91
N ASN A 338 -13.38 -16.28 -22.64
CA ASN A 338 -14.63 -15.87 -23.26
C ASN A 338 -15.68 -16.89 -22.98
N ASP A 339 -16.57 -16.63 -22.02
CA ASP A 339 -17.47 -17.70 -21.64
C ASP A 339 -18.72 -17.81 -22.51
N ILE A 340 -19.56 -18.77 -22.21
CA ILE A 340 -20.63 -19.10 -23.13
C ILE A 340 -21.92 -19.24 -22.35
N ALA A 341 -23.05 -19.15 -23.04
CA ALA A 341 -24.35 -19.42 -22.43
C ALA A 341 -25.08 -20.36 -23.33
N PRO A 342 -25.73 -21.37 -22.75
CA PRO A 342 -26.49 -22.35 -23.52
C PRO A 342 -27.80 -21.74 -24.00
N LEU A 343 -28.20 -22.09 -25.21
CA LEU A 343 -29.49 -21.66 -25.74
C LEU A 343 -30.51 -22.79 -25.71
N ASP A 344 -30.22 -23.87 -26.41
CA ASP A 344 -31.12 -25.02 -26.47
C ASP A 344 -30.42 -26.37 -26.30
N LEU A 345 -30.95 -27.21 -25.42
CA LEU A 345 -30.38 -28.55 -25.24
C LEU A 345 -30.51 -29.42 -26.48
N GLY A 346 -31.74 -29.66 -26.89
CA GLY A 346 -32.03 -30.55 -28.01
C GLY A 346 -31.20 -30.24 -29.22
N LYS A 347 -30.97 -28.98 -29.51
CA LYS A 347 -30.16 -28.63 -30.67
C LYS A 347 -28.68 -28.37 -30.33
N ASP A 348 -28.32 -28.52 -29.04
CA ASP A 348 -26.93 -28.40 -28.59
C ASP A 348 -26.37 -27.03 -28.98
N MET A 349 -27.06 -25.97 -28.55
CA MET A 349 -26.73 -24.62 -29.03
C MET A 349 -26.21 -23.74 -27.93
N TYR A 350 -25.27 -22.86 -28.29
CA TYR A 350 -24.65 -21.92 -27.35
C TYR A 350 -24.36 -20.57 -28.03
N VAL A 351 -24.47 -19.48 -27.25
CA VAL A 351 -23.94 -18.16 -27.64
C VAL A 351 -22.65 -17.91 -26.90
N SER A 352 -21.74 -17.21 -27.54
CA SER A 352 -20.59 -16.66 -26.85
C SER A 352 -20.12 -15.42 -27.59
N VAL A 353 -19.54 -14.45 -26.89
CA VAL A 353 -18.89 -13.39 -27.63
C VAL A 353 -17.44 -13.79 -27.79
N ILE A 354 -17.00 -14.09 -29.00
CA ILE A 354 -15.64 -14.59 -29.15
C ILE A 354 -14.74 -13.71 -30.01
N LEU A 355 -13.44 -13.75 -29.77
CA LEU A 355 -12.51 -12.92 -30.50
C LEU A 355 -12.06 -13.57 -31.81
N ASP A 356 -12.29 -12.91 -32.94
CA ASP A 356 -12.01 -13.56 -34.19
C ASP A 356 -10.69 -13.06 -34.67
N SER A 357 -9.68 -13.89 -34.41
CA SER A 357 -8.29 -13.56 -34.71
C SER A 357 -7.49 -14.77 -34.27
N ASP A 358 -6.33 -14.96 -34.88
CA ASP A 358 -5.51 -16.12 -34.55
C ASP A 358 -4.68 -15.84 -33.31
N GLN A 359 -4.21 -14.62 -33.23
CA GLN A 359 -3.29 -14.22 -32.17
C GLN A 359 -3.74 -12.98 -31.37
N LEU A 360 -4.00 -11.88 -32.04
CA LEU A 360 -4.43 -10.63 -31.40
C LEU A 360 -5.74 -10.66 -30.59
N ALA A 361 -5.86 -9.78 -29.61
CA ALA A 361 -7.12 -9.77 -28.90
C ALA A 361 -8.02 -8.63 -29.46
N GLU A 362 -8.98 -9.03 -30.30
CA GLU A 362 -9.83 -8.09 -30.99
C GLU A 362 -10.99 -8.75 -31.73
N ASN A 363 -11.85 -7.95 -32.34
CA ASN A 363 -12.95 -8.46 -33.14
C ASN A 363 -13.94 -9.38 -32.43
N PRO A 364 -14.58 -8.89 -31.36
CA PRO A 364 -15.63 -9.71 -30.76
C PRO A 364 -16.75 -9.96 -31.74
N GLU A 365 -17.21 -11.20 -31.83
CA GLU A 365 -18.32 -11.55 -32.69
C GLU A 365 -19.26 -12.36 -31.84
N ILE A 366 -20.53 -11.94 -31.81
CA ILE A 366 -21.50 -12.77 -31.16
C ILE A 366 -21.66 -14.00 -32.01
N THR A 367 -21.44 -15.18 -31.42
CA THR A 367 -21.48 -16.40 -32.20
C THR A 367 -22.45 -17.38 -31.59
N VAL A 368 -23.30 -17.94 -32.44
CA VAL A 368 -24.22 -18.99 -32.05
C VAL A 368 -23.79 -20.23 -32.81
N PHE A 369 -23.59 -21.31 -32.04
CA PHE A 369 -22.93 -22.53 -32.54
C PHE A 369 -23.40 -23.78 -31.84
N ASN A 370 -23.16 -24.93 -32.47
CA ASN A 370 -23.20 -26.25 -31.81
C ASN A 370 -21.78 -26.84 -31.77
N SER A 371 -21.64 -28.08 -31.31
CA SER A 371 -20.28 -28.65 -31.21
C SER A 371 -19.56 -28.64 -32.53
N THR A 372 -20.30 -28.92 -33.61
CA THR A 372 -19.70 -29.06 -34.95
C THR A 372 -19.47 -27.80 -35.76
N THR A 373 -20.46 -26.91 -35.79
CA THR A 373 -20.45 -25.81 -36.75
C THR A 373 -20.94 -24.49 -36.14
N ILE A 374 -20.61 -23.39 -36.78
CA ILE A 374 -21.16 -22.09 -36.37
C ILE A 374 -22.48 -21.77 -37.10
N LEU A 375 -23.58 -21.72 -36.37
CA LEU A 375 -24.89 -21.48 -36.96
C LEU A 375 -24.98 -20.05 -37.52
N TYR A 376 -24.70 -19.04 -36.69
CA TYR A 376 -24.66 -17.65 -37.19
C TYR A 376 -23.86 -16.69 -36.31
N LYS A 377 -23.45 -15.57 -36.87
CA LYS A 377 -22.55 -14.67 -36.17
C LYS A 377 -22.73 -13.19 -36.54
N GLU A 378 -22.37 -12.27 -35.65
CA GLU A 378 -22.28 -10.86 -36.05
C GLU A 378 -21.14 -10.15 -35.30
N ARG A 379 -20.31 -9.38 -35.99
CA ARG A 379 -19.31 -8.57 -35.32
C ARG A 379 -19.99 -7.57 -34.40
N VAL A 380 -19.33 -7.21 -33.31
CA VAL A 380 -19.94 -6.28 -32.38
C VAL A 380 -19.73 -4.86 -32.87
N SER A 381 -18.60 -4.62 -33.50
CA SER A 381 -18.27 -3.30 -34.01
C SER A 381 -17.74 -3.41 -35.42
N LYS A 382 -17.96 -2.36 -36.19
CA LYS A 382 -17.60 -2.31 -37.59
C LYS A 382 -16.19 -1.77 -37.69
N ASP A 383 -15.66 -1.38 -36.55
CA ASP A 383 -14.30 -0.84 -36.48
C ASP A 383 -13.50 -1.83 -35.65
N GLU A 384 -12.18 -1.77 -35.78
CA GLU A 384 -11.37 -2.67 -34.99
C GLU A 384 -11.46 -2.28 -33.52
N LEU A 385 -11.88 -3.22 -32.69
CA LEU A 385 -12.15 -2.96 -31.28
C LEU A 385 -11.33 -3.91 -30.43
N ASN A 386 -10.37 -3.36 -29.71
CA ASN A 386 -9.42 -4.16 -28.95
C ASN A 386 -10.11 -4.64 -27.69
N THR A 387 -10.29 -5.96 -27.58
CA THR A 387 -10.98 -6.50 -26.43
C THR A 387 -10.35 -7.79 -25.95
N ARG A 388 -10.35 -8.00 -24.64
CA ARG A 388 -9.69 -9.14 -24.05
C ARG A 388 -10.77 -10.07 -23.55
N SER A 389 -11.30 -9.82 -22.37
CA SER A 389 -12.29 -10.72 -21.80
C SER A 389 -13.71 -10.53 -22.33
N THR A 390 -14.56 -11.56 -22.28
CA THR A 390 -15.97 -11.40 -22.55
C THR A 390 -16.83 -12.34 -21.69
N THR A 391 -18.01 -11.89 -21.22
CA THR A 391 -18.93 -12.77 -20.49
C THR A 391 -20.32 -12.62 -21.08
N THR A 392 -21.13 -13.68 -21.00
CA THR A 392 -22.44 -13.71 -21.59
C THR A 392 -23.41 -14.46 -20.70
N SER A 393 -24.61 -13.91 -20.48
CA SER A 393 -25.67 -14.61 -19.74
C SER A 393 -26.99 -14.52 -20.52
N CYS A 394 -27.82 -15.55 -20.42
CA CYS A 394 -29.04 -15.62 -21.19
C CYS A 394 -30.25 -16.03 -20.39
N PHE A 395 -31.40 -15.56 -20.83
CA PHE A 395 -32.60 -15.76 -20.05
C PHE A 395 -33.80 -15.51 -20.93
N LEU A 396 -34.98 -15.78 -20.39
CA LEU A 396 -36.21 -15.47 -21.07
C LEU A 396 -36.71 -14.14 -20.57
N PHE A 397 -36.88 -13.22 -21.51
CA PHE A 397 -37.51 -11.94 -21.23
C PHE A 397 -38.75 -11.84 -22.11
N LEU A 398 -39.93 -11.83 -21.50
CA LEU A 398 -41.17 -11.83 -22.25
C LEU A 398 -41.20 -13.05 -23.18
N ASP A 399 -40.90 -14.22 -22.61
CA ASP A 399 -41.00 -15.51 -23.30
C ASP A 399 -40.17 -15.66 -24.56
N GLU A 400 -39.08 -14.91 -24.67
CA GLU A 400 -38.12 -15.12 -25.74
C GLU A 400 -36.68 -15.06 -25.19
N PRO A 401 -35.77 -15.81 -25.83
CA PRO A 401 -34.38 -15.78 -25.38
C PRO A 401 -33.64 -14.46 -25.66
N TRP A 402 -33.08 -13.91 -24.58
CA TRP A 402 -32.30 -12.68 -24.62
C TRP A 402 -30.95 -12.87 -23.92
N CYS A 403 -29.94 -12.14 -24.38
CA CYS A 403 -28.60 -12.22 -23.80
C CYS A 403 -28.02 -10.87 -23.44
N ILE A 404 -27.23 -10.84 -22.36
CA ILE A 404 -26.41 -9.69 -22.02
C ILE A 404 -24.94 -10.11 -21.95
N SER A 405 -24.07 -9.31 -22.55
CA SER A 405 -22.65 -9.61 -22.58
C SER A 405 -21.83 -8.40 -22.15
N VAL A 406 -20.83 -8.64 -21.32
CA VAL A 406 -19.87 -7.57 -21.03
C VAL A 406 -18.54 -7.84 -21.73
N LEU A 407 -18.00 -6.80 -22.32
CA LEU A 407 -16.78 -6.92 -23.07
C LEU A 407 -15.66 -6.06 -22.46
N GLU A 408 -14.48 -6.63 -22.31
CA GLU A 408 -13.44 -5.83 -21.73
C GLU A 408 -12.73 -5.16 -22.89
N THR A 409 -13.00 -3.88 -23.04
CA THR A 409 -12.69 -3.16 -24.28
C THR A 409 -11.72 -2.01 -24.04
N ASN A 410 -10.83 -1.80 -25.00
CA ASN A 410 -10.07 -0.58 -25.07
C ASN A 410 -10.43 0.07 -26.40
N ARG A 411 -11.35 1.05 -26.36
CA ARG A 411 -11.87 1.66 -27.59
C ARG A 411 -11.05 2.81 -28.13
N PHE A 412 -10.61 3.66 -27.21
CA PHE A 412 -9.89 4.89 -27.51
C PHE A 412 -8.47 4.53 -27.12
N ASN A 413 -7.50 4.64 -28.02
CA ASN A 413 -6.22 3.98 -27.77
C ASN A 413 -5.53 4.28 -26.44
N GLY A 414 -5.59 3.32 -25.52
CA GLY A 414 -4.84 3.38 -24.30
C GLY A 414 -5.38 4.29 -23.22
N LYS A 415 -6.43 5.03 -23.53
CA LYS A 415 -6.99 5.97 -22.55
C LYS A 415 -8.49 5.77 -22.35
N SER A 416 -8.97 6.13 -21.17
CA SER A 416 -10.38 6.00 -20.83
C SER A 416 -10.84 4.57 -21.12
N ILE A 417 -10.09 3.60 -20.60
CA ILE A 417 -10.39 2.21 -20.89
C ILE A 417 -11.56 1.77 -20.02
N ARG A 418 -12.65 1.40 -20.65
CA ARG A 418 -13.84 1.08 -19.88
C ARG A 418 -14.61 -0.05 -20.56
N PRO A 419 -15.12 -0.99 -19.76
CA PRO A 419 -15.83 -2.10 -20.40
C PRO A 419 -17.19 -1.67 -20.94
N GLU A 420 -17.64 -2.42 -21.94
CA GLU A 420 -18.91 -2.17 -22.60
C GLU A 420 -19.90 -3.28 -22.33
N ILE A 421 -21.14 -2.92 -22.00
CA ILE A 421 -22.24 -3.89 -21.83
C ILE A 421 -23.17 -3.91 -23.05
N TYR A 422 -23.69 -5.08 -23.44
CA TYR A 422 -24.59 -5.21 -24.59
C TYR A 422 -25.74 -6.14 -24.32
N SER A 423 -26.93 -5.80 -24.80
CA SER A 423 -28.06 -6.73 -24.74
C SER A 423 -28.41 -7.03 -26.18
N TYR A 424 -28.87 -8.24 -26.43
CA TYR A 424 -29.23 -8.64 -27.79
C TYR A 424 -30.19 -9.81 -27.74
N LYS A 425 -30.92 -10.00 -28.84
CA LYS A 425 -31.98 -11.02 -28.91
C LYS A 425 -31.61 -12.18 -29.84
N ILE A 426 -31.95 -13.39 -29.43
CA ILE A 426 -31.78 -14.54 -30.31
C ILE A 426 -32.88 -14.50 -31.38
N PRO A 427 -32.48 -14.49 -32.68
CA PRO A 427 -33.38 -14.39 -33.83
C PRO A 427 -34.52 -15.40 -33.77
N LYS A 428 -35.75 -14.98 -34.03
CA LYS A 428 -36.88 -15.91 -34.05
C LYS A 428 -36.93 -16.68 -35.37
N TYR A 429 -36.36 -16.09 -36.42
CA TYR A 429 -36.43 -16.65 -37.76
C TYR A 429 -35.05 -16.57 -38.39
N CYS A 430 -34.75 -17.47 -39.32
CA CYS A 430 -33.43 -17.52 -39.93
C CYS A 430 -33.26 -16.65 -41.15
N SER B 1 -1.85 3.20 -39.30
CA SER B 1 -1.54 1.94 -38.60
C SER B 1 -1.37 0.75 -39.55
N ILE B 2 -0.14 0.27 -39.64
CA ILE B 2 0.24 -0.69 -40.66
C ILE B 2 1.07 -1.88 -40.18
N VAL B 3 1.40 -2.75 -41.13
CA VAL B 3 2.17 -3.95 -40.86
C VAL B 3 3.67 -3.70 -41.08
N LEU B 4 4.44 -3.76 -40.00
CA LEU B 4 5.90 -3.61 -40.08
C LEU B 4 6.50 -4.82 -40.78
N GLU B 5 7.71 -4.66 -41.29
CA GLU B 5 8.40 -5.77 -41.93
C GLU B 5 8.65 -6.85 -40.88
N PRO B 6 8.37 -8.12 -41.22
CA PRO B 6 8.57 -9.27 -40.33
C PRO B 6 10.03 -9.45 -39.86
N ILE B 7 10.20 -10.00 -38.67
CA ILE B 7 11.53 -10.21 -38.12
C ILE B 7 11.71 -11.69 -37.92
N TYR B 8 12.66 -12.29 -38.65
CA TYR B 8 12.91 -13.72 -38.50
C TYR B 8 13.96 -13.89 -37.42
N TRP B 9 13.72 -14.81 -36.49
CA TRP B 9 14.65 -14.96 -35.38
C TRP B 9 15.65 -16.05 -35.74
N GLN B 10 16.89 -15.63 -36.03
CA GLN B 10 17.96 -16.51 -36.54
C GLN B 10 19.25 -15.68 -36.71
N SER B 11 20.39 -16.35 -36.85
CA SER B 11 21.67 -15.63 -36.98
C SER B 11 21.78 -14.92 -38.32
N SER B 12 21.13 -15.49 -39.32
CA SER B 12 21.17 -14.98 -40.67
C SER B 12 20.65 -13.56 -40.81
N ASN B 13 19.81 -13.11 -39.88
CA ASN B 13 19.13 -11.83 -40.08
C ASN B 13 20.07 -10.65 -39.91
N SER B 14 20.12 -9.81 -40.96
CA SER B 14 21.03 -8.67 -41.00
C SER B 14 20.59 -7.60 -40.02
N LYS B 15 19.29 -7.57 -39.74
CA LYS B 15 18.69 -6.46 -38.99
C LYS B 15 19.20 -6.37 -37.55
N PHE B 16 19.80 -7.44 -37.07
CA PHE B 16 20.50 -7.35 -35.80
C PHE B 16 21.82 -6.70 -36.16
N LEU B 17 22.08 -5.54 -35.56
CA LEU B 17 23.34 -4.85 -35.76
C LEU B 17 24.27 -5.12 -34.60
N PRO B 18 25.51 -5.50 -34.90
CA PRO B 18 26.46 -5.89 -33.87
C PRO B 18 26.60 -4.79 -32.82
N GLY B 19 26.51 -5.16 -31.54
CA GLY B 19 26.63 -4.20 -30.45
C GLY B 19 25.38 -3.38 -30.20
N GLN B 20 24.47 -3.34 -31.16
CA GLN B 20 23.23 -2.58 -31.01
C GLN B 20 22.02 -3.51 -30.89
N GLY B 21 21.78 -4.29 -31.94
CA GLY B 21 20.60 -5.13 -32.01
C GLY B 21 19.61 -4.49 -32.98
N LEU B 22 18.42 -5.06 -33.05
CA LEU B 22 17.38 -4.48 -33.89
C LEU B 22 16.64 -3.42 -33.08
N VAL B 23 16.48 -2.23 -33.67
CA VAL B 23 15.78 -1.14 -32.99
C VAL B 23 14.62 -0.66 -33.83
N LEU B 24 13.43 -0.62 -33.23
CA LEU B 24 12.20 -0.33 -33.96
C LEU B 24 11.40 0.81 -33.33
N TYR B 25 10.65 1.52 -34.17
CA TYR B 25 9.85 2.62 -33.68
C TYR B 25 8.38 2.46 -34.09
N PRO B 26 7.71 1.43 -33.54
CA PRO B 26 6.31 1.22 -33.88
C PRO B 26 5.39 2.17 -33.13
N GLN B 27 4.24 2.45 -33.74
CA GLN B 27 3.24 3.31 -33.13
C GLN B 27 2.06 2.44 -32.77
N ILE B 28 1.33 2.84 -31.73
CA ILE B 28 0.16 2.12 -31.29
C ILE B 28 -0.80 1.86 -32.45
N GLY B 29 -1.18 0.59 -32.61
CA GLY B 29 -2.05 0.16 -33.69
C GLY B 29 -1.32 -0.63 -34.77
N ASP B 30 0.01 -0.59 -34.73
CA ASP B 30 0.85 -1.30 -35.71
C ASP B 30 1.02 -2.79 -35.41
N LYS B 31 1.30 -3.58 -36.46
CA LYS B 31 1.58 -5.01 -36.34
C LYS B 31 3.02 -5.33 -36.67
N LEU B 32 3.56 -6.36 -36.00
CA LEU B 32 4.90 -6.87 -36.28
C LEU B 32 4.84 -8.38 -36.10
N ASP B 33 5.46 -9.15 -36.99
CA ASP B 33 5.53 -10.61 -36.79
C ASP B 33 6.94 -11.03 -36.44
N ILE B 34 7.10 -11.78 -35.36
CA ILE B 34 8.38 -12.38 -35.05
C ILE B 34 8.28 -13.85 -35.38
N ILE B 35 9.16 -14.32 -36.25
CA ILE B 35 9.06 -15.69 -36.75
C ILE B 35 10.28 -16.53 -36.44
N CYS B 36 10.03 -17.74 -35.93
CA CYS B 36 11.03 -18.77 -35.76
C CYS B 36 10.92 -19.63 -36.98
N PRO B 37 11.93 -19.54 -37.84
CA PRO B 37 11.93 -20.13 -39.18
C PRO B 37 12.12 -21.64 -39.10
N LYS B 38 11.45 -22.39 -39.96
CA LYS B 38 11.67 -23.82 -40.02
C LYS B 38 12.84 -24.14 -40.97
N VAL B 39 13.22 -25.41 -41.05
CA VAL B 39 14.35 -25.82 -41.88
C VAL B 39 14.08 -25.68 -43.39
N GLY B 45 19.36 -28.07 -43.74
CA GLY B 45 20.13 -29.14 -43.12
C GLY B 45 20.47 -28.93 -41.65
N GLN B 46 20.51 -27.68 -41.20
CA GLN B 46 20.86 -27.39 -39.80
C GLN B 46 19.83 -26.47 -39.15
N TYR B 47 19.76 -26.51 -37.82
CA TYR B 47 18.74 -25.77 -37.10
C TYR B 47 19.20 -25.13 -35.80
N GLU B 48 18.64 -23.95 -35.53
CA GLU B 48 18.90 -23.19 -34.31
C GLU B 48 17.71 -23.30 -33.34
N TYR B 49 18.00 -23.52 -32.07
CA TYR B 49 16.99 -23.73 -31.05
C TYR B 49 16.89 -22.52 -30.12
N TYR B 50 15.72 -21.88 -30.06
CA TYR B 50 15.64 -20.61 -29.33
C TYR B 50 14.49 -20.49 -28.32
N LYS B 51 14.74 -19.83 -27.20
CA LYS B 51 13.63 -19.42 -26.34
C LYS B 51 13.62 -17.91 -26.23
N VAL B 52 12.61 -17.27 -26.82
CA VAL B 52 12.56 -15.82 -26.91
C VAL B 52 11.69 -15.17 -25.84
N TYR B 53 12.28 -14.19 -25.14
CA TYR B 53 11.70 -13.62 -23.94
C TYR B 53 11.51 -12.12 -24.02
N MET B 54 10.62 -11.60 -23.19
CA MET B 54 10.51 -10.16 -23.02
C MET B 54 11.08 -9.77 -21.66
N VAL B 55 11.96 -8.77 -21.69
CA VAL B 55 12.65 -8.30 -20.50
C VAL B 55 12.75 -6.78 -20.49
N ASP B 56 13.09 -6.26 -19.32
CA ASP B 56 13.35 -4.84 -19.13
C ASP B 56 14.79 -4.50 -19.51
N LYS B 57 15.12 -3.22 -19.43
CA LYS B 57 16.42 -2.73 -19.89
C LYS B 57 17.60 -3.36 -19.12
N ASP B 58 17.47 -3.44 -17.80
CA ASP B 58 18.53 -3.93 -16.94
C ASP B 58 18.98 -5.31 -17.39
N GLN B 59 17.99 -6.19 -17.57
CA GLN B 59 18.21 -7.56 -17.99
C GLN B 59 18.68 -7.66 -19.44
N ALA B 60 18.21 -6.75 -20.29
CA ALA B 60 18.65 -6.78 -21.69
C ALA B 60 20.12 -6.40 -21.80
N ASP B 61 20.56 -5.47 -20.95
CA ASP B 61 21.95 -5.01 -20.95
C ASP B 61 22.86 -6.06 -20.33
N ARG B 62 22.41 -6.63 -19.22
CA ARG B 62 23.18 -7.71 -18.56
C ARG B 62 23.09 -9.04 -19.31
N CYS B 63 22.25 -9.10 -20.36
CA CYS B 63 22.00 -10.33 -21.10
C CYS B 63 21.61 -11.55 -20.23
N THR B 64 20.72 -11.32 -19.27
CA THR B 64 20.28 -12.33 -18.32
C THR B 64 18.76 -12.45 -18.26
N ILE B 65 18.26 -13.62 -17.88
CA ILE B 65 16.84 -13.89 -17.73
C ILE B 65 16.66 -14.29 -16.28
N LYS B 66 15.72 -13.68 -15.58
CA LYS B 66 15.33 -14.18 -14.26
C LYS B 66 14.43 -15.44 -14.36
N LYS B 67 14.49 -16.30 -13.34
CA LYS B 67 13.85 -17.63 -13.35
C LYS B 67 12.32 -17.57 -13.57
N GLU B 68 11.71 -16.49 -13.10
CA GLU B 68 10.26 -16.35 -13.13
C GLU B 68 9.75 -16.13 -14.56
N ASN B 69 10.60 -15.59 -15.44
CA ASN B 69 10.17 -15.24 -16.80
C ASN B 69 9.69 -16.42 -17.64
N THR B 70 8.71 -16.15 -18.50
CA THR B 70 8.19 -17.17 -19.41
C THR B 70 8.09 -16.65 -20.84
N PRO B 71 8.48 -17.49 -21.81
CA PRO B 71 8.79 -16.95 -23.13
C PRO B 71 7.59 -16.59 -23.99
N LEU B 72 7.81 -15.66 -24.90
CA LEU B 72 6.88 -15.41 -25.98
C LEU B 72 6.93 -16.60 -26.94
N LEU B 73 8.14 -16.98 -27.33
CA LEU B 73 8.36 -18.08 -28.26
C LEU B 73 9.30 -19.13 -27.67
N ASN B 74 8.93 -20.39 -27.84
CA ASN B 74 9.85 -21.50 -27.60
C ASN B 74 9.95 -22.25 -28.91
N CYS B 75 11.07 -22.11 -29.60
CA CYS B 75 11.21 -22.78 -30.89
C CYS B 75 12.18 -23.90 -30.69
N ALA B 76 11.61 -25.06 -30.40
CA ALA B 76 12.27 -26.35 -30.34
C ALA B 76 11.80 -27.24 -31.48
N LYS B 77 10.92 -26.74 -32.32
CA LYS B 77 10.28 -27.59 -33.33
C LYS B 77 10.60 -27.09 -34.74
N PRO B 78 11.70 -27.62 -35.30
CA PRO B 78 12.31 -27.17 -36.56
C PRO B 78 11.48 -27.50 -37.79
N ASP B 79 10.59 -28.46 -37.68
CA ASP B 79 9.82 -28.90 -38.83
C ASP B 79 8.66 -27.94 -39.09
N GLN B 80 8.34 -27.10 -38.12
CA GLN B 80 7.23 -26.18 -38.32
C GLN B 80 7.62 -24.74 -38.05
N ASP B 81 6.91 -23.84 -38.72
CA ASP B 81 7.07 -22.41 -38.52
C ASP B 81 6.34 -21.99 -37.24
N ILE B 82 6.97 -21.12 -36.47
CA ILE B 82 6.36 -20.66 -35.23
C ILE B 82 6.34 -19.14 -35.20
N LYS B 83 5.15 -18.56 -35.05
CA LYS B 83 4.97 -17.13 -35.24
C LYS B 83 4.36 -16.45 -34.01
N PHE B 84 4.85 -15.26 -33.71
CA PHE B 84 4.31 -14.45 -32.63
C PHE B 84 3.95 -13.10 -33.25
N THR B 85 2.65 -12.81 -33.34
CA THR B 85 2.14 -11.59 -33.93
C THR B 85 1.82 -10.57 -32.87
N ILE B 86 2.57 -9.48 -32.88
CA ILE B 86 2.35 -8.38 -31.96
C ILE B 86 1.51 -7.29 -32.63
N LYS B 87 0.50 -6.80 -31.93
CA LYS B 87 -0.11 -5.53 -32.28
C LYS B 87 0.07 -4.64 -31.09
N PHE B 88 0.51 -3.40 -31.30
CA PHE B 88 0.86 -2.65 -30.11
C PHE B 88 -0.39 -1.97 -29.59
N GLN B 89 -0.88 -2.49 -28.47
CA GLN B 89 -2.10 -2.03 -27.84
C GLN B 89 -2.15 -2.56 -26.41
N GLU B 90 -3.14 -2.16 -25.64
CA GLU B 90 -3.15 -2.46 -24.22
C GLU B 90 -3.38 -3.91 -23.97
N PHE B 91 -4.31 -4.47 -24.72
CA PHE B 91 -4.80 -5.79 -24.45
C PHE B 91 -4.20 -6.86 -25.40
N SER B 92 -3.73 -7.95 -24.81
CA SER B 92 -3.25 -9.12 -25.54
C SER B 92 -3.73 -10.31 -24.74
N PRO B 93 -3.81 -11.47 -25.37
CA PRO B 93 -4.21 -12.73 -24.74
C PRO B 93 -3.14 -13.27 -23.77
N ASN B 94 -1.97 -12.63 -23.79
CA ASN B 94 -0.84 -13.00 -22.94
C ASN B 94 -1.16 -13.03 -21.45
N LEU B 95 -0.58 -14.00 -20.74
CA LEU B 95 -0.87 -14.27 -19.35
C LEU B 95 -0.33 -13.18 -18.41
N TRP B 96 0.82 -12.61 -18.76
CA TRP B 96 1.48 -11.57 -17.96
C TRP B 96 0.77 -10.23 -18.12
N GLY B 97 -0.04 -10.16 -19.17
CA GLY B 97 -0.73 -8.97 -19.61
C GLY B 97 -0.06 -8.28 -20.78
N LEU B 98 1.27 -8.38 -20.88
CA LEU B 98 2.00 -7.89 -22.06
C LEU B 98 1.38 -6.62 -22.68
N GLU B 99 1.48 -5.46 -22.03
CA GLU B 99 0.77 -4.28 -22.53
C GLU B 99 1.65 -3.36 -23.38
N PHE B 100 1.08 -2.76 -24.40
CA PHE B 100 1.84 -1.78 -25.15
C PHE B 100 1.25 -0.38 -25.00
N GLN B 101 2.01 0.50 -24.33
CA GLN B 101 1.60 1.87 -24.10
C GLN B 101 2.53 2.83 -24.81
N LYS B 102 1.98 3.94 -25.28
CA LYS B 102 2.79 4.97 -25.95
C LYS B 102 3.86 5.52 -25.00
N ASN B 103 5.01 5.87 -25.56
CA ASN B 103 6.16 6.42 -24.82
C ASN B 103 6.70 5.47 -23.77
N LYS B 104 6.87 4.22 -24.15
CA LYS B 104 7.48 3.25 -23.28
C LYS B 104 8.36 2.32 -24.11
N ASP B 105 9.35 1.70 -23.47
CA ASP B 105 10.29 0.88 -24.20
C ASP B 105 10.20 -0.59 -23.77
N TYR B 106 10.33 -1.49 -24.74
CA TYR B 106 10.23 -2.92 -24.46
C TYR B 106 11.43 -3.68 -25.04
N TYR B 107 11.97 -4.64 -24.29
CA TYR B 107 13.15 -5.33 -24.78
C TYR B 107 12.87 -6.81 -25.00
N ILE B 108 13.37 -7.34 -26.12
CA ILE B 108 13.19 -8.76 -26.44
C ILE B 108 14.53 -9.43 -26.69
N ILE B 109 14.89 -10.38 -25.85
CA ILE B 109 16.18 -11.01 -25.97
C ILE B 109 16.04 -12.50 -25.85
N SER B 110 17.10 -13.20 -26.25
CA SER B 110 17.20 -14.61 -25.96
C SER B 110 18.58 -14.87 -25.45
N THR B 111 18.68 -15.52 -24.30
CA THR B 111 19.95 -16.04 -23.88
C THR B 111 19.84 -17.53 -24.19
N SER B 112 20.48 -17.97 -25.27
CA SER B 112 20.47 -19.37 -25.68
C SER B 112 21.69 -19.54 -26.55
N ASN B 113 22.23 -20.76 -26.62
CA ASN B 113 23.39 -20.98 -27.49
C ASN B 113 22.97 -21.13 -28.94
N GLY B 114 21.75 -21.66 -29.14
CA GLY B 114 21.26 -22.01 -30.45
C GLY B 114 21.26 -23.52 -30.66
N SER B 115 22.03 -24.19 -29.81
CA SER B 115 22.10 -25.64 -29.77
C SER B 115 21.03 -26.15 -28.82
N LEU B 116 20.44 -27.30 -29.15
CA LEU B 116 19.42 -27.90 -28.29
C LEU B 116 19.87 -28.06 -26.83
N GLU B 117 21.15 -28.29 -26.61
CA GLU B 117 21.63 -28.47 -25.25
C GLU B 117 21.65 -27.13 -24.53
N GLY B 118 21.66 -26.05 -25.30
CA GLY B 118 21.72 -24.70 -24.75
C GLY B 118 20.44 -23.86 -24.78
N LEU B 119 19.31 -24.52 -25.06
CA LEU B 119 18.03 -23.83 -25.18
C LEU B 119 17.53 -23.23 -23.86
N ASP B 120 17.84 -23.87 -22.74
CA ASP B 120 17.38 -23.39 -21.44
C ASP B 120 18.38 -22.46 -20.74
N ASN B 121 19.47 -22.11 -21.43
CA ASN B 121 20.52 -21.32 -20.83
C ASN B 121 20.01 -19.93 -20.38
N GLN B 122 20.21 -19.57 -19.12
CA GLN B 122 19.70 -18.31 -18.59
C GLN B 122 20.54 -17.08 -18.91
N GLU B 123 21.87 -17.24 -18.91
CA GLU B 123 22.76 -16.09 -19.05
C GLU B 123 23.58 -16.15 -20.34
N GLY B 124 23.99 -14.98 -20.85
CA GLY B 124 24.77 -14.92 -22.07
C GLY B 124 23.98 -15.27 -23.31
N GLY B 125 24.46 -16.23 -24.08
CA GLY B 125 23.74 -16.69 -25.27
C GLY B 125 23.77 -15.71 -26.42
N VAL B 126 22.96 -15.96 -27.45
CA VAL B 126 22.99 -15.13 -28.66
C VAL B 126 22.66 -13.64 -28.44
N CYS B 127 22.14 -13.31 -27.25
CA CYS B 127 21.96 -11.93 -26.84
C CYS B 127 23.34 -11.29 -26.74
N GLN B 128 24.23 -11.98 -26.02
CA GLN B 128 25.57 -11.51 -25.67
C GLN B 128 26.57 -11.56 -26.84
N THR B 129 26.45 -12.58 -27.68
CA THR B 129 27.41 -12.77 -28.74
C THR B 129 26.94 -12.18 -30.06
N ARG B 130 25.93 -12.82 -30.64
CA ARG B 130 25.48 -12.50 -32.00
C ARG B 130 24.53 -11.30 -32.02
N ALA B 131 24.34 -10.68 -30.85
CA ALA B 131 23.52 -9.50 -30.66
C ALA B 131 22.08 -9.66 -31.14
N MET B 132 21.39 -10.64 -30.57
CA MET B 132 20.00 -10.84 -30.89
C MET B 132 19.22 -10.18 -29.75
N LYS B 133 18.76 -8.97 -30.03
CA LYS B 133 18.06 -8.14 -29.08
C LYS B 133 17.15 -7.28 -29.91
N ILE B 134 15.99 -6.98 -29.36
CA ILE B 134 15.10 -6.05 -30.01
C ILE B 134 14.74 -4.99 -28.99
N LEU B 135 14.77 -3.74 -29.44
CA LEU B 135 14.33 -2.63 -28.63
C LEU B 135 13.16 -2.00 -29.37
N MET B 136 12.02 -1.94 -28.71
CA MET B 136 10.85 -1.32 -29.31
C MET B 136 10.44 -0.08 -28.52
N LYS B 137 10.59 1.06 -29.18
CA LYS B 137 10.26 2.35 -28.60
C LYS B 137 8.91 2.76 -29.18
N VAL B 138 7.90 2.78 -28.32
CA VAL B 138 6.52 2.84 -28.79
C VAL B 138 5.93 4.25 -28.73
N GLY B 139 5.46 4.72 -29.87
CA GLY B 139 4.87 6.05 -29.94
C GLY B 139 5.96 7.09 -30.01
N GLN B 140 7.16 6.66 -30.38
CA GLN B 140 8.36 7.49 -30.37
C GLN B 140 8.99 7.44 -31.76
N ASP B 141 9.97 8.30 -32.01
CA ASP B 141 10.68 8.30 -33.30
C ASP B 141 12.10 8.87 -33.22
N ALA B 142 12.80 8.89 -34.35
CA ALA B 142 14.15 9.44 -34.42
C ALA B 142 14.21 10.72 -35.27
N SER C 1 41.31 19.16 -16.77
CA SER C 1 41.78 18.70 -15.47
C SER C 1 40.99 17.50 -14.92
N ALA C 2 41.71 16.46 -14.47
CA ALA C 2 41.07 15.24 -13.96
C ALA C 2 40.62 15.38 -12.50
N MET C 3 40.91 16.54 -11.91
CA MET C 3 40.50 16.85 -10.55
C MET C 3 39.06 17.38 -10.49
N TYR C 4 38.54 17.81 -11.65
CA TYR C 4 37.26 18.49 -11.70
C TYR C 4 36.07 17.53 -11.64
N SER C 5 34.99 17.99 -11.01
CA SER C 5 33.73 17.27 -10.96
C SER C 5 32.53 18.22 -11.00
N THR C 6 31.44 17.76 -11.62
CA THR C 6 30.18 18.46 -11.53
C THR C 6 29.56 18.12 -10.17
N ASN C 7 28.75 19.02 -9.60
CA ASN C 7 28.11 18.70 -8.33
C ASN C 7 26.94 17.75 -8.57
N ALA C 8 26.90 16.66 -7.82
CA ALA C 8 25.82 15.71 -7.96
C ALA C 8 24.65 16.09 -7.05
N TYR C 9 24.87 17.05 -6.15
CA TYR C 9 23.81 17.51 -5.25
C TYR C 9 23.13 18.77 -5.78
N ALA C 10 21.80 18.78 -5.70
CA ALA C 10 21.02 19.99 -5.94
C ALA C 10 19.83 20.03 -4.99
N GLU C 11 19.38 21.21 -4.59
CA GLU C 11 18.19 21.31 -3.74
C GLU C 11 16.99 20.81 -4.53
N LEU C 12 16.17 19.97 -3.92
CA LEU C 12 15.03 19.41 -4.66
C LEU C 12 14.11 20.58 -4.92
N ALA C 13 13.95 20.91 -6.20
CA ALA C 13 13.25 22.13 -6.61
C ALA C 13 13.06 22.18 -8.13
N GLY C 14 12.52 23.28 -8.63
CA GLY C 14 12.36 23.46 -10.07
C GLY C 14 11.32 22.52 -10.66
N PRO C 15 11.27 22.44 -12.01
CA PRO C 15 10.28 21.66 -12.75
C PRO C 15 10.29 20.20 -12.31
N PRO C 16 9.12 19.63 -11.97
CA PRO C 16 9.08 18.29 -11.37
C PRO C 16 9.81 17.25 -12.22
N LYS C 17 10.61 16.41 -11.57
CA LYS C 17 11.24 15.28 -12.25
C LYS C 17 10.21 14.15 -12.33
N ILE C 18 10.61 13.00 -12.88
CA ILE C 18 9.67 11.91 -13.01
C ILE C 18 9.86 10.88 -11.92
N PHE C 19 8.80 10.64 -11.16
CA PHE C 19 8.80 9.59 -10.15
C PHE C 19 7.36 9.28 -9.79
N CYS C 20 7.13 8.32 -8.90
CA CYS C 20 5.78 7.85 -8.71
C CYS C 20 4.98 8.83 -7.83
N LYS C 21 4.01 9.46 -8.49
CA LYS C 21 3.12 10.44 -7.90
C LYS C 21 1.74 9.87 -7.56
N SER C 22 1.60 8.56 -7.68
CA SER C 22 0.36 7.85 -7.38
C SER C 22 0.52 6.70 -6.40
N VAL C 23 -0.54 5.90 -6.27
CA VAL C 23 -0.48 4.73 -5.41
C VAL C 23 0.55 3.70 -5.91
N SER C 24 1.17 2.98 -4.98
CA SER C 24 2.01 1.85 -5.29
C SER C 24 1.92 0.80 -4.20
N LYS C 25 1.75 -0.46 -4.60
CA LYS C 25 1.60 -1.59 -3.67
C LYS C 25 2.94 -2.14 -3.18
N ASP C 26 3.97 -2.02 -4.02
CA ASP C 26 5.28 -2.57 -3.66
C ASP C 26 6.42 -1.68 -4.14
N PRO C 27 6.64 -0.54 -3.47
CA PRO C 27 7.65 0.38 -3.99
C PRO C 27 9.09 -0.05 -3.70
N ASP C 28 10.01 0.26 -4.62
CA ASP C 28 11.42 0.02 -4.38
C ASP C 28 12.13 1.31 -4.00
N PHE C 29 12.46 1.42 -2.73
CA PHE C 29 13.07 2.64 -2.22
C PHE C 29 14.59 2.58 -2.32
N ARG C 30 15.10 1.41 -2.71
CA ARG C 30 16.54 1.18 -2.74
C ARG C 30 17.11 1.53 -1.39
N LEU C 31 16.49 0.96 -0.35
CA LEU C 31 16.84 1.34 1.00
C LEU C 31 18.17 0.76 1.46
N LYS C 32 19.09 1.63 1.87
CA LYS C 32 20.35 1.19 2.47
C LYS C 32 20.69 2.01 3.72
N GLN C 33 21.06 1.33 4.80
CA GLN C 33 21.53 1.98 6.03
C GLN C 33 22.95 2.54 5.92
N ILE C 34 23.19 3.68 6.53
CA ILE C 34 24.53 4.23 6.58
C ILE C 34 25.06 4.15 8.00
N ASP C 35 25.98 3.22 8.25
CA ASP C 35 26.43 3.02 9.62
C ASP C 35 27.78 3.64 10.01
N TYR C 36 28.46 4.28 9.07
CA TYR C 36 29.83 4.72 9.35
C TYR C 36 29.97 6.18 9.82
N VAL C 37 28.88 6.94 9.81
CA VAL C 37 28.92 8.36 10.17
C VAL C 37 28.80 8.64 11.66
N ILE C 38 27.93 7.91 12.32
CA ILE C 38 27.68 8.12 13.73
C ILE C 38 28.66 7.27 14.51
N PRO C 39 29.35 7.89 15.49
CA PRO C 39 30.36 7.19 16.30
C PRO C 39 29.79 6.00 17.02
N VAL C 40 30.67 5.11 17.46
CA VAL C 40 30.23 3.97 18.24
C VAL C 40 30.93 4.08 19.61
N GLN C 41 30.24 3.64 20.66
CA GLN C 41 30.72 3.90 22.01
C GLN C 41 31.35 2.63 22.59
N GLN C 42 32.53 2.78 23.18
CA GLN C 42 33.20 1.64 23.79
C GLN C 42 32.40 1.23 25.04
N ASP C 43 31.88 2.24 25.73
CA ASP C 43 31.09 2.03 26.95
C ASP C 43 29.63 1.74 26.61
N ARG C 44 29.16 0.54 26.94
CA ARG C 44 27.81 0.13 26.57
C ARG C 44 26.72 0.80 27.38
N SER C 45 27.12 1.49 28.45
CA SER C 45 26.16 2.18 29.31
C SER C 45 25.77 3.57 28.77
N ILE C 46 26.63 4.15 27.94
CA ILE C 46 26.33 5.45 27.33
C ILE C 46 25.19 5.31 26.34
N CYS C 47 24.25 6.23 26.44
CA CYS C 47 23.11 6.32 25.55
C CYS C 47 23.31 7.53 24.63
N MET C 48 23.34 7.26 23.32
CA MET C 48 23.35 8.32 22.31
C MET C 48 21.92 8.53 21.83
N ASN C 49 21.43 9.74 22.04
CA ASN C 49 20.00 10.02 21.93
C ASN C 49 19.77 11.36 21.27
N ASN C 50 18.50 11.56 20.91
CA ASN C 50 18.03 12.82 20.35
C ASN C 50 18.82 13.29 19.13
N PRO C 51 18.87 12.46 18.09
CA PRO C 51 19.65 12.85 16.91
C PRO C 51 19.00 14.01 16.15
N LEU C 52 19.81 14.88 15.57
CA LEU C 52 19.34 16.04 14.83
C LEU C 52 20.20 16.13 13.59
N LEU C 53 19.57 16.34 12.42
CA LEU C 53 20.32 16.44 11.18
C LEU C 53 19.81 17.51 10.27
N ASP C 54 20.66 18.45 9.88
CA ASP C 54 20.25 19.42 8.87
C ASP C 54 21.09 19.31 7.60
N ILE C 55 20.44 19.14 6.45
CA ILE C 55 21.17 19.12 5.18
C ILE C 55 20.88 20.35 4.32
N SER C 56 21.91 21.07 3.91
CA SER C 56 21.66 22.13 2.95
C SER C 56 22.86 22.40 2.04
N ASP C 57 22.59 22.66 0.75
CA ASP C 57 23.63 23.00 -0.23
C ASP C 57 24.79 21.98 -0.26
N GLY C 58 24.46 20.70 -0.17
CA GLY C 58 25.46 19.65 -0.27
C GLY C 58 26.16 19.29 1.03
N PHE C 59 25.96 20.08 2.07
CA PHE C 59 26.59 19.82 3.36
C PHE C 59 25.58 19.51 4.43
N PHE C 60 26.03 18.83 5.47
CA PHE C 60 25.13 18.43 6.55
C PHE C 60 25.74 18.73 7.91
N THR C 61 24.85 18.89 8.89
CA THR C 61 25.23 19.04 10.28
C THR C 61 24.46 18.02 11.08
N TYR C 62 25.17 17.22 11.86
CA TYR C 62 24.53 16.19 12.67
C TYR C 62 24.87 16.48 14.12
N ILE C 63 23.92 16.22 15.02
CA ILE C 63 24.10 16.48 16.44
C ILE C 63 23.46 15.37 17.21
N HIS C 64 24.13 14.89 18.26
CA HIS C 64 23.36 14.11 19.22
C HIS C 64 23.84 14.30 20.65
N TYR C 65 23.13 13.68 21.58
CA TYR C 65 23.41 13.85 22.99
C TYR C 65 23.87 12.53 23.58
N GLU C 66 24.89 12.61 24.42
CA GLU C 66 25.44 11.42 25.05
C GLU C 66 25.24 11.50 26.54
N GLY C 67 24.59 10.50 27.11
CA GLY C 67 24.39 10.54 28.55
C GLY C 67 24.38 9.17 29.18
N ILE C 68 24.67 9.10 30.48
CA ILE C 68 24.87 7.82 31.17
C ILE C 68 23.59 7.29 31.75
N ASN C 69 23.11 6.17 31.20
CA ASN C 69 21.87 5.55 31.65
C ASN C 69 20.68 6.51 31.60
N SER C 70 20.82 7.55 30.78
CA SER C 70 19.81 8.58 30.60
C SER C 70 19.77 8.94 29.12
N CYS C 71 18.59 8.85 28.54
CA CYS C 71 18.38 9.30 27.17
C CYS C 71 17.80 10.70 27.12
N LYS C 72 17.68 11.33 28.28
CA LYS C 72 17.20 12.70 28.32
C LYS C 72 18.28 13.69 27.94
N LYS C 73 17.89 14.58 27.05
CA LYS C 73 18.78 15.57 26.50
C LYS C 73 19.46 16.42 27.58
N SER C 74 18.81 16.61 28.72
CA SER C 74 19.33 17.58 29.71
C SER C 74 20.49 17.06 30.57
N ASP C 75 20.45 15.78 30.95
CA ASP C 75 21.58 15.21 31.66
C ASP C 75 22.39 14.46 30.62
N SER C 76 23.47 15.10 30.18
CA SER C 76 24.26 14.65 29.05
C SER C 76 25.68 14.92 29.42
N PHE C 77 26.54 13.93 29.26
CA PHE C 77 27.94 14.18 29.53
C PHE C 77 28.53 14.97 28.38
N LYS C 78 28.21 14.55 27.16
CA LYS C 78 28.81 15.15 25.97
C LYS C 78 27.73 15.43 24.93
N VAL C 79 27.90 16.54 24.22
CA VAL C 79 27.03 16.83 23.10
C VAL C 79 27.88 16.88 21.85
N LEU C 80 27.57 16.00 20.89
CA LEU C 80 28.38 15.80 19.69
C LEU C 80 27.87 16.63 18.53
N LEU C 81 28.78 17.38 17.94
CA LEU C 81 28.49 18.25 16.81
C LEU C 81 29.33 17.79 15.63
N SER C 82 28.69 17.53 14.50
CA SER C 82 29.37 16.96 13.34
C SER C 82 29.10 17.72 12.07
N HIS C 83 30.14 17.93 11.28
CA HIS C 83 30.01 18.59 10.00
C HIS C 83 30.45 17.66 8.91
N GLY C 84 29.77 17.71 7.78
CA GLY C 84 30.19 16.89 6.66
C GLY C 84 29.58 17.24 5.32
N GLU C 85 29.88 16.38 4.35
CA GLU C 85 29.49 16.61 2.98
C GLU C 85 28.72 15.42 2.42
N ILE C 86 27.90 15.69 1.43
CA ILE C 86 27.21 14.70 0.63
C ILE C 86 27.95 14.54 -0.71
N VAL C 87 28.40 13.33 -1.02
CA VAL C 87 29.29 13.15 -2.16
C VAL C 87 28.89 11.95 -3.03
N ASP C 88 29.37 11.95 -4.28
CA ASP C 88 29.22 10.81 -5.19
C ASP C 88 30.44 9.85 -5.14
N ARG C 89 30.24 8.62 -4.66
CA ARG C 89 31.31 7.63 -4.61
C ARG C 89 31.29 6.69 -5.85
N GLY C 90 30.36 6.93 -6.78
CA GLY C 90 30.13 6.06 -7.92
C GLY C 90 29.19 4.92 -7.57
N ASP C 91 28.54 5.07 -6.42
CA ASP C 91 27.66 4.07 -5.82
C ASP C 91 26.32 3.98 -6.51
N TYR C 92 26.03 4.96 -7.37
CA TYR C 92 24.69 5.24 -7.91
C TYR C 92 23.71 5.69 -6.80
N ARG C 93 24.22 6.45 -5.83
CA ARG C 93 23.50 6.84 -4.62
C ARG C 93 24.36 7.78 -3.80
N PRO C 94 23.73 8.67 -3.01
CA PRO C 94 24.50 9.67 -2.25
C PRO C 94 25.16 9.07 -1.03
N SER C 95 26.28 9.63 -0.64
CA SER C 95 27.07 9.08 0.45
C SER C 95 27.34 10.19 1.41
N LEU C 96 27.43 9.84 2.69
CA LEU C 96 27.76 10.85 3.69
C LEU C 96 29.24 10.79 3.97
N TYR C 97 29.90 11.94 3.83
CA TYR C 97 31.32 12.02 4.13
C TYR C 97 31.48 12.88 5.37
N LEU C 98 32.05 12.30 6.43
CA LEU C 98 32.15 13.02 7.69
C LEU C 98 33.45 13.82 7.78
N LEU C 99 33.33 15.16 7.72
CA LEU C 99 34.48 16.07 7.81
C LEU C 99 35.04 16.42 9.20
N SER C 100 34.17 16.81 10.13
CA SER C 100 34.58 17.32 11.47
C SER C 100 33.67 16.83 12.59
N SER C 101 34.23 16.64 13.75
CA SER C 101 33.44 16.32 14.94
C SER C 101 34.06 17.02 16.12
N HIS C 102 33.22 17.64 16.93
CA HIS C 102 33.67 18.26 18.16
C HIS C 102 32.61 18.06 19.22
N TYR C 103 33.00 18.22 20.47
CA TYR C 103 32.04 18.20 21.54
C TYR C 103 31.72 19.63 21.93
N HIS C 104 30.49 19.86 22.39
CA HIS C 104 30.09 21.17 22.90
C HIS C 104 30.83 21.51 24.19
N PRO C 105 31.44 22.70 24.24
CA PRO C 105 32.20 23.12 25.44
C PRO C 105 31.34 23.03 26.71
N TYR C 106 30.10 23.47 26.59
CA TYR C 106 29.18 23.62 27.71
C TYR C 106 28.29 22.38 27.90
N SER C 107 28.68 21.27 27.29
CA SER C 107 27.85 20.06 27.19
C SER C 107 27.07 19.64 28.44
N MET C 108 27.67 19.76 29.63
CA MET C 108 26.98 19.32 30.86
C MET C 108 25.77 20.20 31.17
N GLN C 109 25.89 21.46 30.75
CA GLN C 109 24.89 22.50 31.00
C GLN C 109 23.90 22.74 29.84
N VAL C 110 23.91 21.89 28.81
CA VAL C 110 23.07 22.12 27.62
C VAL C 110 21.60 21.72 27.84
N ILE C 111 20.71 22.69 27.68
CA ILE C 111 19.27 22.42 27.70
C ILE C 111 18.73 21.93 26.36
N ASN C 112 19.09 22.68 25.31
CA ASN C 112 18.69 22.29 23.96
C ASN C 112 19.48 22.88 22.80
N CYS C 113 19.43 22.22 21.65
CA CYS C 113 20.21 22.61 20.47
C CYS C 113 19.39 22.56 19.20
N VAL C 114 19.75 23.42 18.26
CA VAL C 114 19.26 23.27 16.92
C VAL C 114 20.39 23.51 15.93
N PRO C 115 20.51 22.60 14.96
CA PRO C 115 21.47 22.70 13.86
C PRO C 115 20.96 23.57 12.73
N VAL C 116 21.85 24.31 12.11
CA VAL C 116 21.55 24.77 10.77
C VAL C 116 22.85 24.80 9.96
N THR C 117 22.79 24.26 8.75
CA THR C 117 23.91 24.28 7.83
C THR C 117 23.74 25.48 6.94
N CYS C 118 24.77 26.31 6.87
CA CYS C 118 24.72 27.55 6.11
C CYS C 118 26.07 27.82 5.44
N ASN C 119 26.03 28.24 4.17
CA ASN C 119 27.26 28.55 3.40
C ASN C 119 28.35 27.50 3.56
N GLN C 120 27.92 26.24 3.55
CA GLN C 120 28.78 25.06 3.67
C GLN C 120 29.49 24.89 5.00
N SER C 121 29.01 25.59 6.02
CA SER C 121 29.49 25.41 7.39
C SER C 121 28.36 24.97 8.31
N SER C 122 28.72 24.33 9.41
CA SER C 122 27.74 23.95 10.41
C SER C 122 27.63 25.01 11.50
N PHE C 123 26.40 25.40 11.82
CA PHE C 123 26.13 26.29 12.94
C PHE C 123 25.21 25.55 13.89
N VAL C 124 25.44 25.71 15.19
CA VAL C 124 24.59 25.11 16.20
C VAL C 124 24.16 26.19 17.20
N PHE C 125 22.86 26.26 17.46
CA PHE C 125 22.29 27.26 18.38
C PHE C 125 21.86 26.55 19.64
N CYS C 126 22.46 26.96 20.74
CA CYS C 126 22.29 26.24 21.99
C CYS C 126 21.78 27.11 23.12
N HIS C 127 20.92 26.49 23.93
CA HIS C 127 20.43 27.04 25.15
C HIS C 127 20.99 26.25 26.32
N ILE C 128 21.88 26.94 27.06
CA ILE C 128 22.56 26.41 28.26
C ILE C 128 22.14 27.08 29.59
N SER C 129 21.96 26.24 30.60
CA SER C 129 21.52 26.65 31.93
C SER C 129 22.09 25.80 33.06
N ASN C 130 22.36 26.44 34.19
CA ASN C 130 22.79 25.74 35.41
C ASN C 130 21.62 25.06 36.08
N ASN C 131 20.43 25.32 35.54
CA ASN C 131 19.17 24.87 36.11
C ASN C 131 18.46 23.97 35.10
N THR C 132 18.33 22.70 35.45
CA THR C 132 17.70 21.73 34.58
C THR C 132 16.22 22.09 34.44
N LYS C 133 15.67 22.73 35.45
CA LYS C 133 14.25 23.09 35.46
C LYS C 133 13.98 24.52 34.95
N THR C 134 15.02 25.12 34.37
CA THR C 134 15.03 26.51 33.96
C THR C 134 13.80 26.94 33.16
N LEU C 135 13.15 26.03 32.44
CA LEU C 135 11.98 26.43 31.65
C LEU C 135 10.71 26.63 32.48
N ASP C 136 10.69 26.03 33.66
CA ASP C 136 9.54 26.05 34.54
C ASP C 136 9.60 27.17 35.57
N ASN C 137 10.63 27.15 36.40
CA ASN C 137 10.79 28.12 37.48
C ASN C 137 11.74 29.30 37.26
N SER C 138 12.30 29.43 36.06
CA SER C 138 13.27 30.51 35.85
C SER C 138 12.96 31.36 34.60
N ASP C 139 13.91 32.21 34.22
CA ASP C 139 13.70 33.12 33.08
C ASP C 139 14.96 33.20 32.21
N TYR C 140 14.84 33.85 31.06
CA TYR C 140 15.91 33.82 30.08
C TYR C 140 17.08 34.75 30.38
N SER C 141 16.88 35.71 31.28
CA SER C 141 17.98 36.63 31.63
C SER C 141 19.01 35.90 32.49
N SER C 142 18.53 34.87 33.18
CA SER C 142 19.39 34.05 34.02
C SER C 142 20.16 32.93 33.26
N ASP C 143 19.84 32.73 31.99
CA ASP C 143 20.47 31.65 31.22
C ASP C 143 21.35 32.19 30.10
N GLU C 144 22.00 31.29 29.35
CA GLU C 144 22.80 31.77 28.22
C GLU C 144 22.52 31.06 26.90
N TYR C 145 22.78 31.78 25.81
CA TYR C 145 22.50 31.28 24.47
C TYR C 145 23.71 31.49 23.57
N TYR C 146 24.12 30.42 22.92
CA TYR C 146 25.37 30.45 22.15
C TYR C 146 25.22 29.95 20.72
N ILE C 147 26.10 30.45 19.86
CA ILE C 147 26.28 29.89 18.53
C ILE C 147 27.66 29.25 18.41
N THR C 148 27.73 27.93 18.30
CA THR C 148 29.00 27.28 17.96
C THR C 148 29.06 27.04 16.46
N TYR C 149 30.16 27.37 15.81
CA TYR C 149 30.21 27.16 14.37
C TYR C 149 31.57 26.72 13.83
N PHE C 150 31.52 25.89 12.80
CA PHE C 150 32.73 25.32 12.20
C PHE C 150 32.54 24.66 10.85
N ASN C 151 33.64 24.17 10.28
CA ASN C 151 33.60 23.49 9.00
C ASN C 151 34.71 22.43 8.93
N GLY C 152 34.99 21.95 7.73
CA GLY C 152 36.04 20.95 7.54
C GLY C 152 37.41 21.36 8.06
N ILE C 153 37.89 22.51 7.62
CA ILE C 153 39.23 22.99 7.99
C ILE C 153 39.30 23.63 9.39
N ASP C 154 38.36 24.54 9.67
CA ASP C 154 38.42 25.40 10.86
C ASP C 154 38.05 24.68 12.15
N ARG C 155 38.62 25.16 13.25
CA ARG C 155 38.28 24.67 14.58
C ARG C 155 37.11 25.48 15.17
N PRO C 156 36.30 24.84 16.04
CA PRO C 156 35.01 25.43 16.43
C PRO C 156 35.13 26.78 17.15
N LYS C 157 34.36 27.76 16.69
CA LYS C 157 34.26 29.04 17.40
C LYS C 157 32.86 29.16 17.98
N THR C 158 32.76 29.31 19.30
CA THR C 158 31.46 29.53 19.92
C THR C 158 31.34 30.93 20.55
N LYS C 159 30.36 31.70 20.09
CA LYS C 159 30.14 33.07 20.56
C LYS C 159 28.84 33.16 21.35
N LYS C 160 28.81 34.08 22.30
CA LYS C 160 27.63 34.32 23.12
C LYS C 160 26.64 35.24 22.41
N ILE C 161 25.37 34.86 22.43
CA ILE C 161 24.36 35.69 21.80
C ILE C 161 23.92 36.79 22.75
N PRO C 162 24.00 38.05 22.28
CA PRO C 162 23.56 39.22 23.03
C PRO C 162 22.03 39.25 23.15
N ILE C 163 21.50 38.43 24.06
CA ILE C 163 20.06 38.36 24.30
C ILE C 163 19.50 39.65 24.92
N ASN C 164 20.32 40.30 25.73
CA ASN C 164 19.96 41.59 26.30
C ASN C 164 19.56 42.61 25.22
N ASN C 165 20.17 42.51 24.05
CA ASN C 165 19.88 43.44 22.97
C ASN C 165 18.77 42.97 22.03
N MET C 166 18.11 41.86 22.37
CA MET C 166 17.05 41.34 21.53
C MET C 166 15.73 42.10 21.71
N THR C 167 14.91 42.10 20.67
CA THR C 167 13.59 42.71 20.74
C THR C 167 12.49 41.68 20.43
N ALA C 168 11.49 41.56 21.28
CA ALA C 168 10.48 40.53 21.13
C ALA C 168 9.14 41.14 20.67
N ASP C 169 8.33 40.33 20.00
CA ASP C 169 7.07 40.81 19.44
C ASP C 169 6.01 40.64 20.50
N ASN C 170 6.42 40.10 21.63
CA ASN C 170 5.51 39.92 22.74
C ASN C 170 6.34 39.92 24.00
N ARG C 171 5.72 39.76 25.16
CA ARG C 171 6.44 39.85 26.41
C ARG C 171 6.68 38.45 26.96
N TYR C 172 7.90 37.95 26.83
CA TYR C 172 8.16 36.54 27.15
C TYR C 172 9.07 36.46 28.35
N ILE C 173 8.76 35.58 29.29
CA ILE C 173 9.72 35.36 30.36
C ILE C 173 10.82 34.40 29.90
N HIS C 174 10.51 33.46 29.00
CA HIS C 174 11.53 32.46 28.65
C HIS C 174 11.48 32.01 27.19
N PHE C 175 12.60 31.51 26.67
CA PHE C 175 12.56 30.82 25.39
C PHE C 175 13.67 29.79 25.28
N THR C 176 13.38 28.70 24.59
CA THR C 176 14.38 27.68 24.36
C THR C 176 14.50 27.44 22.86
N PHE C 177 15.69 27.04 22.42
CA PHE C 177 15.85 26.59 21.06
C PHE C 177 15.35 25.14 21.03
N SER C 178 14.27 24.88 20.29
CA SER C 178 13.77 23.52 20.27
C SER C 178 13.32 23.08 18.87
N GLY C 179 13.99 22.06 18.33
CA GLY C 179 13.58 21.46 17.07
C GLY C 179 14.64 20.80 16.21
N GLY C 180 14.20 20.20 15.09
CA GLY C 180 15.07 19.45 14.21
C GLY C 180 15.98 20.27 13.34
N GLY C 181 15.67 21.54 13.13
CA GLY C 181 16.61 22.41 12.45
C GLY C 181 16.06 23.75 12.01
N GLY C 182 16.97 24.67 11.75
CA GLY C 182 16.60 25.98 11.28
C GLY C 182 17.03 26.22 9.87
N VAL C 183 16.98 27.48 9.44
CA VAL C 183 17.40 27.80 8.09
C VAL C 183 18.22 29.07 8.11
N CYS C 184 18.93 29.37 7.03
CA CYS C 184 19.53 30.69 6.88
C CYS C 184 19.09 31.31 5.56
N LEU C 185 18.57 32.53 5.65
CA LEU C 185 18.08 33.24 4.48
C LEU C 185 18.81 34.56 4.41
N GLY C 186 19.62 34.73 3.36
CA GLY C 186 20.47 35.89 3.24
C GLY C 186 21.41 35.96 4.42
N GLU C 187 21.39 37.10 5.10
CA GLU C 187 22.25 37.36 6.25
C GLU C 187 21.62 36.93 7.58
N GLU C 188 20.39 36.41 7.50
CA GLU C 188 19.64 36.07 8.72
C GLU C 188 19.57 34.57 8.97
N PHE C 189 19.77 34.17 10.23
CA PHE C 189 19.44 32.82 10.67
C PHE C 189 18.04 32.84 11.24
N ILE C 190 17.27 31.79 11.02
CA ILE C 190 15.97 31.67 11.63
C ILE C 190 15.87 30.33 12.29
N ILE C 191 15.59 30.31 13.58
CA ILE C 191 15.63 29.09 14.36
C ILE C 191 14.29 28.84 15.04
N PRO C 192 13.84 27.59 15.06
CA PRO C 192 12.59 27.36 15.78
C PRO C 192 12.83 27.46 17.28
N VAL C 193 11.94 28.17 17.97
CA VAL C 193 12.05 28.31 19.42
C VAL C 193 10.73 27.97 20.09
N THR C 194 10.79 27.51 21.32
CA THR C 194 9.58 27.47 22.12
C THR C 194 9.63 28.52 23.24
N THR C 195 8.62 29.39 23.27
CA THR C 195 8.58 30.49 24.23
C THR C 195 7.65 30.22 25.42
N VAL C 196 8.04 30.79 26.56
CA VAL C 196 7.25 30.76 27.78
C VAL C 196 6.76 32.16 28.20
N ILE C 197 5.45 32.20 28.50
CA ILE C 197 4.73 33.40 28.94
C ILE C 197 3.82 33.03 30.15
N ASN C 198 3.68 33.98 31.08
CA ASN C 198 2.93 33.73 32.35
C ASN C 198 1.43 34.12 32.39
N THR C 199 0.99 34.87 31.39
CA THR C 199 -0.39 35.36 31.34
C THR C 199 -1.01 34.83 30.05
N ASP C 200 -2.31 34.54 30.04
CA ASP C 200 -2.94 33.90 28.89
C ASP C 200 -3.39 34.98 27.90
N VAL C 201 -2.63 35.10 26.82
CA VAL C 201 -2.81 36.13 25.82
C VAL C 201 -3.56 35.58 24.60
N PHE C 202 -3.97 34.33 24.69
CA PHE C 202 -4.30 33.57 23.47
C PHE C 202 -5.78 33.36 23.19
N THR C 203 -6.12 33.42 21.91
CA THR C 203 -7.45 33.14 21.39
C THR C 203 -7.37 31.81 20.65
N HIS C 204 -8.27 30.88 20.92
CA HIS C 204 -8.27 29.69 20.10
C HIS C 204 -9.57 29.48 19.32
N ASP C 205 -9.63 29.96 18.09
CA ASP C 205 -10.90 29.89 17.35
C ASP C 205 -11.08 28.49 16.81
N TYR C 206 -10.00 27.99 16.21
CA TYR C 206 -10.00 26.67 15.60
C TYR C 206 -10.40 25.59 16.60
N CYS C 207 -9.73 25.57 17.74
CA CYS C 207 -10.07 24.60 18.77
C CYS C 207 -11.53 24.77 19.22
N GLU C 208 -11.99 26.02 19.28
CA GLU C 208 -13.36 26.31 19.70
C GLU C 208 -14.39 25.84 18.69
N SER C 209 -13.98 25.63 17.43
CA SER C 209 -14.87 25.16 16.35
C SER C 209 -15.31 23.71 16.50
N PHE C 210 -14.63 22.97 17.35
CA PHE C 210 -14.92 21.55 17.46
C PHE C 210 -16.14 21.31 18.32
N ASN C 211 -17.00 20.37 17.91
CA ASN C 211 -18.02 19.88 18.81
C ASN C 211 -17.99 18.37 18.95
N CYS C 212 -17.57 17.93 20.13
CA CYS C 212 -17.48 16.51 20.47
C CYS C 212 -17.28 16.42 21.97
N SER C 213 -17.20 15.22 22.51
CA SER C 213 -17.19 15.04 23.96
C SER C 213 -16.06 15.81 24.62
N VAL C 214 -16.40 16.66 25.57
CA VAL C 214 -15.40 17.39 26.35
C VAL C 214 -15.66 17.17 27.84
N GLN C 215 -14.63 17.39 28.66
CA GLN C 215 -14.75 17.17 30.10
C GLN C 215 -15.86 17.98 30.76
N THR C 216 -16.74 17.28 31.46
CA THR C 216 -17.85 17.93 32.12
C THR C 216 -17.33 18.81 33.28
N GLY C 217 -17.98 19.95 33.49
CA GLY C 217 -17.55 20.89 34.50
C GLY C 217 -16.55 21.86 33.89
N LYS C 218 -16.15 21.58 32.66
CA LYS C 218 -15.24 22.47 31.95
C LYS C 218 -15.80 22.87 30.59
N SER C 219 -15.69 24.16 30.29
CA SER C 219 -16.14 24.67 29.01
C SER C 219 -15.11 24.35 27.94
N LEU C 220 -15.57 24.26 26.70
CA LEU C 220 -14.67 24.05 25.58
C LEU C 220 -13.62 25.17 25.56
N LYS C 221 -14.08 26.41 25.64
CA LYS C 221 -13.21 27.58 25.62
C LYS C 221 -12.15 27.49 26.72
N GLU C 222 -12.57 27.02 27.90
CA GLU C 222 -11.67 26.80 29.02
C GLU C 222 -10.59 25.80 28.66
N ILE C 223 -10.99 24.68 28.05
CA ILE C 223 -10.06 23.63 27.65
C ILE C 223 -9.05 24.13 26.61
N CYS C 224 -9.52 24.71 25.51
CA CYS C 224 -8.63 25.31 24.51
C CYS C 224 -7.66 26.31 25.11
N SER C 225 -8.11 27.04 26.12
CA SER C 225 -7.22 28.03 26.73
C SER C 225 -6.17 27.32 27.57
N GLU C 226 -6.62 26.36 28.37
CA GLU C 226 -5.79 25.68 29.37
C GLU C 226 -4.83 24.62 28.81
N SER C 227 -5.05 24.21 27.56
CA SER C 227 -4.24 23.17 26.93
C SER C 227 -2.86 23.69 26.50
N LEU C 228 -2.67 24.99 26.54
CA LEU C 228 -1.37 25.56 26.25
C LEU C 228 -0.53 25.77 27.51
N ARG C 229 -1.04 25.35 28.65
CA ARG C 229 -0.30 25.52 29.88
C ARG C 229 0.79 24.44 29.98
N SER C 230 2.00 24.85 30.37
CA SER C 230 3.05 23.88 30.68
C SER C 230 2.53 23.01 31.79
N PRO C 231 2.47 21.71 31.55
CA PRO C 231 1.91 20.79 32.55
C PRO C 231 2.79 20.76 33.81
N THR C 232 3.98 21.33 33.75
CA THR C 232 4.84 21.46 34.93
C THR C 232 4.51 22.68 35.81
N ASN C 233 4.30 23.84 35.19
CA ASN C 233 3.89 25.01 35.94
C ASN C 233 2.64 25.52 35.27
N SER C 234 1.51 25.34 35.95
CA SER C 234 0.20 25.65 35.37
C SER C 234 0.01 27.15 35.23
N SER C 235 0.97 27.91 35.73
CA SER C 235 1.00 29.35 35.62
C SER C 235 1.74 29.79 34.36
N ARG C 236 2.28 28.82 33.63
CA ARG C 236 3.02 29.16 32.41
C ARG C 236 2.37 28.63 31.12
N TYR C 237 2.54 29.42 30.06
CA TYR C 237 2.04 29.06 28.74
C TYR C 237 3.21 28.91 27.76
N ASN C 238 3.17 27.85 26.95
CA ASN C 238 4.23 27.55 25.98
C ASN C 238 3.73 27.68 24.53
N LEU C 239 4.32 28.62 23.80
CA LEU C 239 3.89 28.99 22.47
C LEU C 239 5.09 28.85 21.54
N ASN C 240 4.94 28.17 20.41
CA ASN C 240 6.07 28.08 19.47
C ASN C 240 6.32 29.42 18.82
N GLY C 241 7.50 29.66 18.31
CA GLY C 241 7.81 30.91 17.65
C GLY C 241 9.14 30.77 16.95
N ILE C 242 9.69 31.86 16.47
CA ILE C 242 10.97 31.78 15.79
C ILE C 242 11.92 32.86 16.26
N MET C 243 13.21 32.60 16.20
CA MET C 243 14.16 33.64 16.44
C MET C 243 14.89 34.00 15.17
N ILE C 244 14.92 35.29 14.86
CA ILE C 244 15.64 35.76 13.70
C ILE C 244 16.92 36.47 14.15
N ILE C 245 18.07 36.02 13.67
CA ILE C 245 19.35 36.57 14.08
C ILE C 245 20.12 37.15 12.89
N SER C 246 20.52 38.41 13.00
CA SER C 246 21.29 39.09 11.97
C SER C 246 22.73 39.16 12.39
N GLN C 247 23.65 39.09 11.44
CA GLN C 247 25.06 39.10 11.79
C GLN C 247 25.91 39.68 10.67
N ASN C 248 27.05 40.23 11.04
CA ASN C 248 28.07 40.59 10.08
C ASN C 248 29.37 39.98 10.57
N ASN C 249 29.89 39.01 9.81
CA ASN C 249 31.06 38.23 10.20
C ASN C 249 30.94 37.76 11.66
N MET C 250 29.77 37.27 12.02
CA MET C 250 29.49 36.81 13.39
C MET C 250 29.73 37.90 14.43
N THR C 251 29.56 39.14 14.01
CA THR C 251 29.61 40.29 14.91
C THR C 251 28.42 41.17 14.60
N ASP C 252 28.14 42.12 15.49
CA ASP C 252 27.06 43.07 15.31
C ASP C 252 25.74 42.32 15.17
N PHE C 253 25.30 41.70 16.25
CA PHE C 253 24.10 40.89 16.22
C PHE C 253 22.82 41.71 16.35
N LYS C 254 21.80 41.35 15.56
CA LYS C 254 20.47 41.90 15.72
C LYS C 254 19.46 40.75 15.88
N ILE C 255 18.80 40.70 17.02
CA ILE C 255 17.98 39.54 17.36
C ILE C 255 16.53 39.92 17.57
N GLN C 256 15.64 39.18 16.93
CA GLN C 256 14.22 39.33 17.12
C GLN C 256 13.63 38.00 17.53
N LEU C 257 12.66 38.04 18.43
CA LEU C 257 11.98 36.84 18.85
C LEU C 257 10.52 37.02 18.56
N ASN C 258 9.97 36.27 17.61
CA ASN C 258 8.58 36.44 17.23
C ASN C 258 7.77 35.21 17.56
N GLY C 259 6.48 35.39 17.77
CA GLY C 259 5.62 34.27 18.11
C GLY C 259 4.93 33.75 16.87
N ILE C 260 4.44 32.52 16.95
CA ILE C 260 3.76 31.91 15.84
C ILE C 260 2.36 32.48 15.68
N THR C 261 1.77 32.31 14.49
CA THR C 261 0.40 32.74 14.23
C THR C 261 -0.51 32.11 15.25
N TYR C 262 -1.58 32.82 15.60
CA TYR C 262 -2.51 32.35 16.62
C TYR C 262 -3.55 31.46 15.96
N ASN C 263 -3.46 31.41 14.64
CA ASN C 263 -4.31 30.56 13.83
C ASN C 263 -3.92 29.13 14.10
N LYS C 264 -4.88 28.32 14.55
CA LYS C 264 -4.64 26.92 14.95
C LYS C 264 -3.43 26.73 15.87
N LEU C 265 -3.49 27.20 17.11
CA LEU C 265 -2.37 27.03 18.04
C LEU C 265 -2.37 25.62 18.56
N SER C 266 -1.16 25.06 18.74
CA SER C 266 -0.99 23.80 19.45
C SER C 266 0.12 24.00 20.49
N PHE C 267 0.06 23.23 21.58
CA PHE C 267 1.02 23.38 22.69
C PHE C 267 2.46 23.35 22.20
N GLY C 268 3.32 24.15 22.82
CA GLY C 268 4.70 24.31 22.41
C GLY C 268 5.45 22.98 22.31
N SER C 269 6.03 22.76 21.12
CA SER C 269 6.71 21.52 20.81
C SER C 269 7.87 21.79 19.88
N PRO C 270 8.81 20.83 19.78
CA PRO C 270 9.87 21.04 18.79
C PRO C 270 9.31 21.13 17.38
N GLY C 271 9.73 22.16 16.68
CA GLY C 271 9.37 22.30 15.28
C GLY C 271 10.59 22.20 14.39
N ARG C 272 10.44 22.56 13.12
CA ARG C 272 11.57 22.65 12.22
C ARG C 272 11.25 23.60 11.10
N LEU C 273 12.25 24.34 10.64
CA LEU C 273 12.12 25.10 9.40
C LEU C 273 13.11 24.57 8.38
N SER C 274 12.64 24.28 7.17
CA SER C 274 13.56 23.80 6.13
C SER C 274 13.27 24.47 4.80
N LYS C 275 14.30 24.61 3.97
CA LYS C 275 14.09 25.11 2.61
C LYS C 275 13.76 23.97 1.61
N THR C 276 12.63 24.07 0.93
CA THR C 276 12.28 23.09 -0.09
C THR C 276 11.43 23.66 -1.20
N LEU C 277 11.67 23.21 -2.42
CA LEU C 277 10.80 23.54 -3.54
C LEU C 277 10.63 25.06 -3.73
N GLY C 278 11.67 25.81 -3.37
CA GLY C 278 11.66 27.26 -3.50
C GLY C 278 10.92 27.92 -2.36
N GLN C 279 10.43 27.10 -1.44
CA GLN C 279 9.65 27.58 -0.31
C GLN C 279 10.40 27.37 0.98
N VAL C 280 9.75 27.71 2.09
CA VAL C 280 10.23 27.38 3.43
C VAL C 280 9.12 26.67 4.20
N LEU C 281 9.43 25.51 4.74
CA LEU C 281 8.41 24.67 5.33
C LEU C 281 8.58 24.72 6.81
N TYR C 282 7.47 24.81 7.52
CA TYR C 282 7.51 24.69 8.95
C TYR C 282 6.77 23.43 9.36
N TYR C 283 7.39 22.65 10.23
CA TYR C 283 6.76 21.48 10.82
C TYR C 283 6.68 21.71 12.31
N GLN C 284 5.61 21.20 12.93
CA GLN C 284 5.50 21.23 14.38
C GLN C 284 5.05 19.87 14.91
N SER C 285 5.74 19.38 15.93
CA SER C 285 5.37 18.10 16.52
C SER C 285 3.99 18.26 17.11
N SER C 286 3.21 17.20 17.12
CA SER C 286 1.94 17.35 17.76
C SER C 286 2.04 16.68 19.13
N MET C 287 2.22 17.52 20.14
CA MET C 287 2.35 17.11 21.54
C MET C 287 1.07 17.26 22.38
N SER C 288 -0.03 17.62 21.73
CA SER C 288 -1.27 18.04 22.40
C SER C 288 -2.48 17.25 21.90
N TRP C 289 -3.68 17.75 22.17
CA TRP C 289 -4.93 17.09 21.75
C TRP C 289 -5.06 16.84 20.23
N ASP C 290 -4.47 17.71 19.40
CA ASP C 290 -4.60 17.57 17.93
C ASP C 290 -3.44 16.74 17.38
N THR C 291 -3.74 15.50 16.99
CA THR C 291 -2.67 14.55 16.71
C THR C 291 -2.27 14.42 15.24
N TYR C 292 -2.98 15.08 14.36
CA TYR C 292 -2.65 15.02 12.94
C TYR C 292 -1.48 15.91 12.59
N LEU C 293 -0.85 15.60 11.47
CA LEU C 293 0.34 16.31 11.04
C LEU C 293 0.11 17.81 11.08
N LYS C 294 1.06 18.53 11.68
CA LYS C 294 0.97 19.98 11.71
C LYS C 294 2.12 20.61 10.94
N ALA C 295 1.83 21.10 9.75
CA ALA C 295 2.88 21.72 8.95
C ALA C 295 2.32 22.60 7.85
N GLY C 296 3.15 23.46 7.31
CA GLY C 296 2.71 24.25 6.18
C GLY C 296 3.83 25.10 5.69
N PHE C 297 3.73 25.55 4.44
CA PHE C 297 4.74 26.46 3.90
C PHE C 297 4.51 27.86 4.49
N VAL C 298 5.55 28.70 4.50
CA VAL C 298 5.45 29.98 5.20
C VAL C 298 4.98 31.10 4.27
N GLU C 299 3.73 31.55 4.47
CA GLU C 299 3.20 32.66 3.65
C GLU C 299 3.49 34.05 4.17
N LYS C 300 3.76 34.17 5.46
CA LYS C 300 4.10 35.46 6.05
C LYS C 300 5.03 35.26 7.25
N TRP C 301 6.05 36.11 7.34
CA TRP C 301 7.02 36.08 8.44
C TRP C 301 6.58 36.79 9.72
N LYS C 302 5.87 37.90 9.56
CA LYS C 302 5.44 38.72 10.69
C LYS C 302 3.96 39.04 10.59
N PRO C 303 3.11 38.31 11.33
CA PRO C 303 3.51 37.26 12.27
C PRO C 303 3.95 35.99 11.55
N PHE C 304 4.70 35.13 12.23
CA PHE C 304 5.24 33.95 11.57
C PHE C 304 4.08 33.01 11.22
N THR C 305 3.89 32.79 9.92
CA THR C 305 2.63 32.20 9.44
C THR C 305 2.78 31.05 8.43
N PRO C 306 2.79 29.82 8.95
CA PRO C 306 2.66 28.64 8.10
C PRO C 306 1.23 28.49 7.64
N ASN C 307 1.00 28.08 6.39
CA ASN C 307 -0.35 27.85 5.93
C ASN C 307 -0.61 26.37 6.18
N TRP C 308 -1.32 26.11 7.26
CA TRP C 308 -1.34 24.79 7.82
C TRP C 308 -2.01 23.84 6.87
N MET C 309 -1.31 22.77 6.54
CA MET C 309 -1.89 21.68 5.79
C MET C 309 -3.09 21.13 6.54
N ASN C 310 -4.13 20.75 5.80
CA ASN C 310 -5.22 20.04 6.43
C ASN C 310 -5.00 18.61 6.07
N ASN C 311 -4.51 17.82 7.01
CA ASN C 311 -4.03 16.50 6.68
C ASN C 311 -4.79 15.47 7.48
N THR C 312 -5.48 14.57 6.78
CA THR C 312 -6.35 13.62 7.45
C THR C 312 -5.75 12.22 7.66
N VAL C 313 -4.49 12.03 7.26
CA VAL C 313 -3.86 10.68 7.29
C VAL C 313 -2.70 10.52 8.26
N ILE C 314 -1.69 11.36 8.10
CA ILE C 314 -0.50 11.25 8.94
C ILE C 314 -0.73 11.68 10.40
N SER C 315 -0.28 10.85 11.33
CA SER C 315 -0.47 11.15 12.75
C SER C 315 0.77 10.64 13.52
N ARG C 316 0.66 10.52 14.83
CA ARG C 316 1.74 9.95 15.63
C ARG C 316 1.16 9.21 16.81
N PRO C 317 1.91 8.26 17.35
CA PRO C 317 1.42 7.58 18.55
C PRO C 317 1.61 8.46 19.79
N ASN C 318 0.75 8.27 20.78
CA ASN C 318 0.99 8.77 22.12
C ASN C 318 0.17 7.91 23.06
N GLN C 319 0.56 7.88 24.33
CA GLN C 319 -0.14 7.05 25.31
C GLN C 319 -1.23 7.83 26.07
N GLY C 320 -2.32 7.14 26.41
CA GLY C 320 -3.41 7.76 27.13
C GLY C 320 -4.48 8.46 26.31
N ASN C 321 -4.92 9.62 26.81
CA ASN C 321 -6.06 10.36 26.27
C ASN C 321 -5.98 10.81 24.83
N CYS C 322 -4.76 11.04 24.35
CA CYS C 322 -4.61 11.45 22.97
C CYS C 322 -3.69 10.54 22.20
N PRO C 323 -4.18 9.35 21.83
CA PRO C 323 -3.45 8.37 21.04
C PRO C 323 -3.54 8.76 19.57
N ARG C 324 -3.07 7.90 18.68
CA ARG C 324 -3.07 8.20 17.26
C ARG C 324 -4.48 8.43 16.72
N TYR C 325 -4.59 9.36 15.77
CA TYR C 325 -5.86 9.71 15.10
C TYR C 325 -6.89 10.37 16.02
N HIS C 326 -6.41 11.08 17.03
CA HIS C 326 -7.31 11.72 17.98
C HIS C 326 -7.41 13.20 17.66
N LYS C 327 -8.55 13.61 17.13
CA LYS C 327 -8.78 15.03 16.84
C LYS C 327 -9.68 15.85 17.81
N CYS C 328 -10.08 15.30 18.96
CA CYS C 328 -11.01 16.02 19.85
C CYS C 328 -10.36 16.72 21.05
N PRO C 329 -10.61 18.04 21.23
CA PRO C 329 -9.90 18.89 22.22
C PRO C 329 -9.91 18.35 23.65
N GLU C 330 -8.73 18.33 24.25
CA GLU C 330 -8.53 17.73 25.56
C GLU C 330 -7.31 18.39 26.18
N ILE C 331 -7.15 18.25 27.48
CA ILE C 331 -5.88 18.65 28.06
C ILE C 331 -5.11 17.36 28.28
N CYS C 332 -4.10 17.17 27.44
CA CYS C 332 -3.24 16.00 27.48
C CYS C 332 -1.93 16.39 26.83
N TYR C 333 -0.88 15.66 27.17
CA TYR C 333 0.45 15.96 26.67
C TYR C 333 1.19 14.71 26.20
N GLY C 334 1.79 14.79 25.02
CA GLY C 334 2.71 13.79 24.56
C GLY C 334 2.73 13.63 23.04
N GLY C 335 3.67 12.82 22.56
CA GLY C 335 3.79 12.51 21.15
C GLY C 335 5.25 12.38 20.78
N THR C 336 5.50 12.22 19.48
CA THR C 336 6.85 12.03 18.95
C THR C 336 7.10 13.00 17.84
N TYR C 337 8.32 13.51 17.75
CA TYR C 337 8.65 14.43 16.68
C TYR C 337 8.95 13.55 15.47
N ASN C 338 8.11 13.62 14.45
CA ASN C 338 8.50 12.99 13.20
C ASN C 338 8.30 13.96 12.09
N ASP C 339 9.38 14.60 11.64
CA ASP C 339 9.24 15.70 10.73
C ASP C 339 9.11 15.19 9.29
N ILE C 340 8.96 16.10 8.32
CA ILE C 340 8.59 15.69 6.96
C ILE C 340 9.40 16.43 5.92
N ALA C 341 9.42 15.88 4.70
CA ALA C 341 10.04 16.60 3.58
C ALA C 341 9.11 16.63 2.40
N PRO C 342 9.02 17.80 1.75
CA PRO C 342 8.17 17.96 0.58
C PRO C 342 8.81 17.28 -0.62
N LEU C 343 8.00 16.62 -1.44
CA LEU C 343 8.47 16.01 -2.67
C LEU C 343 8.05 16.82 -3.85
N ASP C 344 6.74 16.94 -4.04
CA ASP C 344 6.22 17.69 -5.18
C ASP C 344 5.12 18.68 -4.77
N LEU C 345 5.25 19.94 -5.20
CA LEU C 345 4.23 20.98 -4.95
C LEU C 345 2.89 20.66 -5.61
N GLY C 346 2.92 20.54 -6.94
CA GLY C 346 1.74 20.27 -7.75
C GLY C 346 0.90 19.10 -7.26
N LYS C 347 1.56 18.03 -6.81
CA LYS C 347 0.81 16.87 -6.33
C LYS C 347 0.64 16.84 -4.83
N ASP C 348 1.14 17.89 -4.15
CA ASP C 348 0.99 18.01 -2.71
C ASP C 348 1.60 16.79 -1.99
N MET C 349 2.86 16.50 -2.26
CA MET C 349 3.46 15.24 -1.78
C MET C 349 4.53 15.43 -0.73
N TYR C 350 4.57 14.52 0.24
CA TYR C 350 5.55 14.58 1.34
C TYR C 350 6.01 13.17 1.70
N VAL C 351 7.29 13.03 2.10
CA VAL C 351 7.81 11.83 2.76
C VAL C 351 7.97 12.08 4.23
N SER C 352 7.74 11.08 5.04
CA SER C 352 8.14 11.19 6.42
C SER C 352 8.39 9.76 6.95
N VAL C 353 9.30 9.59 7.90
CA VAL C 353 9.40 8.28 8.54
C VAL C 353 8.50 8.32 9.78
N ILE C 354 7.39 7.59 9.73
CA ILE C 354 6.42 7.74 10.80
C ILE C 354 6.27 6.47 11.58
N LEU C 355 5.89 6.58 12.85
CA LEU C 355 5.79 5.41 13.70
C LEU C 355 4.43 4.80 13.52
N ASP C 356 4.39 3.52 13.15
CA ASP C 356 3.10 2.89 12.93
C ASP C 356 2.79 2.11 14.17
N SER C 357 1.92 2.73 14.97
CA SER C 357 1.49 2.23 16.26
C SER C 357 0.51 3.27 16.80
N ASP C 358 -0.39 2.84 17.68
CA ASP C 358 -1.40 3.73 18.23
C ASP C 358 -0.89 4.49 19.43
N GLN C 359 -0.08 3.83 20.23
CA GLN C 359 0.49 4.44 21.43
C GLN C 359 2.03 4.28 21.52
N LEU C 360 2.49 3.02 21.50
CA LEU C 360 3.91 2.69 21.64
C LEU C 360 4.78 3.33 20.56
N ALA C 361 6.04 3.61 20.87
CA ALA C 361 6.87 4.19 19.83
C ALA C 361 7.72 3.12 19.16
N GLU C 362 7.28 2.70 17.98
CA GLU C 362 7.95 1.63 17.27
C GLU C 362 7.45 1.51 15.84
N ASN C 363 8.09 0.62 15.09
CA ASN C 363 7.74 0.37 13.69
C ASN C 363 7.83 1.60 12.77
N PRO C 364 9.01 2.22 12.68
CA PRO C 364 9.13 3.33 11.73
C PRO C 364 8.87 2.85 10.31
N GLU C 365 8.07 3.59 9.54
CA GLU C 365 7.78 3.28 8.14
C GLU C 365 8.02 4.52 7.30
N ILE C 366 8.79 4.37 6.24
CA ILE C 366 8.93 5.44 5.27
C ILE C 366 7.59 5.54 4.55
N THR C 367 7.01 6.73 4.61
CA THR C 367 5.67 6.95 4.09
C THR C 367 5.68 8.13 3.14
N VAL C 368 5.10 7.93 1.96
CA VAL C 368 4.91 9.01 0.99
C VAL C 368 3.40 9.21 0.83
N PHE C 369 2.96 10.45 1.03
CA PHE C 369 1.53 10.80 1.18
C PHE C 369 1.22 12.18 0.65
N ASN C 370 -0.07 12.42 0.37
CA ASN C 370 -0.60 13.77 0.22
C ASN C 370 -1.54 14.06 1.38
N SER C 371 -2.23 15.19 1.34
CA SER C 371 -3.11 15.58 2.44
C SER C 371 -4.19 14.57 2.75
N THR C 372 -4.74 13.96 1.69
CA THR C 372 -5.83 12.98 1.75
C THR C 372 -5.43 11.53 2.04
N THR C 373 -4.38 11.05 1.37
CA THR C 373 -4.06 9.61 1.39
C THR C 373 -2.59 9.27 1.43
N ILE C 374 -2.32 8.03 1.82
CA ILE C 374 -0.96 7.49 1.78
C ILE C 374 -0.73 6.80 0.45
N LEU C 375 0.15 7.37 -0.38
CA LEU C 375 0.48 6.85 -1.69
C LEU C 375 1.26 5.52 -1.60
N TYR C 376 2.37 5.50 -0.85
CA TYR C 376 3.09 4.24 -0.64
C TYR C 376 3.97 4.21 0.60
N LYS C 377 4.31 3.02 1.08
CA LYS C 377 5.03 2.90 2.34
C LYS C 377 5.95 1.65 2.40
N GLU C 378 7.01 1.72 3.21
CA GLU C 378 7.79 0.53 3.54
C GLU C 378 8.37 0.59 4.95
N ARG C 379 8.28 -0.49 5.71
CA ARG C 379 8.95 -0.54 7.01
C ARG C 379 10.45 -0.48 6.84
N VAL C 380 11.11 0.07 7.83
CA VAL C 380 12.55 0.24 7.85
C VAL C 380 13.24 -1.05 8.29
N SER C 381 12.59 -1.80 9.16
CA SER C 381 13.12 -3.05 9.64
C SER C 381 12.02 -4.10 9.70
N LYS C 382 12.42 -5.37 9.57
CA LYS C 382 11.45 -6.47 9.59
C LYS C 382 11.28 -6.92 11.04
N ASP C 383 12.05 -6.31 11.93
CA ASP C 383 12.01 -6.69 13.33
C ASP C 383 11.43 -5.53 14.12
N GLU C 384 10.91 -5.83 15.32
CA GLU C 384 10.32 -4.81 16.17
C GLU C 384 11.44 -3.87 16.58
N LEU C 385 11.29 -2.59 16.26
CA LEU C 385 12.38 -1.65 16.45
C LEU C 385 11.94 -0.43 17.25
N ASN C 386 12.49 -0.26 18.44
CA ASN C 386 12.01 0.82 19.28
C ASN C 386 12.62 2.14 18.77
N THR C 387 11.75 3.05 18.32
CA THR C 387 12.20 4.31 17.72
C THR C 387 11.34 5.44 18.24
N ARG C 388 11.97 6.60 18.48
CA ARG C 388 11.25 7.72 19.04
C ARG C 388 11.19 8.83 18.00
N SER C 389 12.24 9.65 17.91
CA SER C 389 12.26 10.73 16.95
C SER C 389 12.69 10.21 15.59
N THR C 390 12.27 10.89 14.54
CA THR C 390 12.77 10.63 13.22
C THR C 390 12.85 11.95 12.51
N THR C 391 13.88 12.17 11.70
CA THR C 391 13.97 13.39 10.90
C THR C 391 14.32 12.99 9.44
N THR C 392 13.86 13.75 8.45
CA THR C 392 14.00 13.35 7.06
C THR C 392 14.34 14.58 6.21
N SER C 393 15.32 14.45 5.31
CA SER C 393 15.67 15.52 4.37
C SER C 393 15.77 14.96 2.95
N CYS C 394 15.38 15.73 1.96
CA CYS C 394 15.36 15.22 0.59
C CYS C 394 16.01 16.20 -0.35
N PHE C 395 16.53 15.67 -1.45
CA PHE C 395 17.28 16.49 -2.38
C PHE C 395 17.40 15.78 -3.71
N LEU C 396 18.02 16.46 -4.68
CA LEU C 396 18.30 15.86 -5.97
C LEU C 396 19.75 15.34 -5.97
N PHE C 397 19.90 14.05 -6.24
CA PHE C 397 21.20 13.45 -6.42
C PHE C 397 21.25 12.79 -7.80
N LEU C 398 22.11 13.32 -8.68
CA LEU C 398 22.15 12.90 -10.08
C LEU C 398 20.76 13.07 -10.69
N ASP C 399 20.19 14.24 -10.44
CA ASP C 399 18.91 14.64 -11.03
C ASP C 399 17.74 13.71 -10.70
N GLU C 400 17.80 13.04 -9.56
CA GLU C 400 16.65 12.28 -9.06
C GLU C 400 16.44 12.51 -7.56
N PRO C 401 15.19 12.49 -7.10
CA PRO C 401 14.95 12.69 -5.66
C PRO C 401 15.37 11.57 -4.76
N TRP C 402 16.18 11.93 -3.78
CA TRP C 402 16.73 11.02 -2.77
C TRP C 402 16.53 11.59 -1.36
N CYS C 403 16.43 10.72 -0.38
CA CYS C 403 16.21 11.15 0.99
C CYS C 403 17.23 10.52 1.93
N ILE C 404 17.54 11.24 2.99
CA ILE C 404 18.26 10.69 4.14
C ILE C 404 17.44 10.90 5.43
N SER C 405 17.32 9.88 6.25
CA SER C 405 16.57 9.98 7.49
C SER C 405 17.42 9.52 8.67
N VAL C 406 17.35 10.25 9.79
CA VAL C 406 17.95 9.71 11.01
C VAL C 406 16.83 9.29 11.96
N LEU C 407 16.96 8.11 12.57
CA LEU C 407 15.93 7.55 13.42
C LEU C 407 16.56 7.45 14.81
N GLU C 408 15.83 7.84 15.84
CA GLU C 408 16.36 7.70 17.18
C GLU C 408 15.84 6.37 17.65
N THR C 409 16.73 5.39 17.69
CA THR C 409 16.37 3.97 17.82
C THR C 409 16.98 3.33 19.04
N ASN C 410 16.25 2.39 19.62
CA ASN C 410 16.83 1.49 20.59
C ASN C 410 16.74 0.07 20.02
N ARG C 411 17.84 -0.43 19.45
CA ARG C 411 17.84 -1.75 18.80
C ARG C 411 18.09 -2.90 19.77
N PHE C 412 18.96 -2.62 20.72
CA PHE C 412 19.54 -3.61 21.62
C PHE C 412 18.94 -3.80 23.04
N ASN C 413 17.73 -3.31 23.29
CA ASN C 413 17.15 -3.31 24.64
C ASN C 413 17.98 -2.61 25.69
N GLY C 414 17.92 -1.29 25.74
CA GLY C 414 18.50 -0.56 26.83
C GLY C 414 20.00 -0.43 26.76
N LYS C 415 20.62 -1.13 25.81
CA LYS C 415 22.07 -1.07 25.72
C LYS C 415 22.57 -0.68 24.34
N SER C 416 23.71 0.00 24.35
CA SER C 416 24.37 0.45 23.13
C SER C 416 23.36 1.16 22.26
N ILE C 417 22.65 2.11 22.85
CA ILE C 417 21.58 2.81 22.16
C ILE C 417 22.20 3.87 21.26
N ARG C 418 21.96 3.72 19.96
CA ARG C 418 22.63 4.57 18.97
C ARG C 418 21.65 4.84 17.83
N PRO C 419 21.64 6.07 17.32
CA PRO C 419 20.69 6.32 16.24
C PRO C 419 21.17 5.70 14.93
N GLU C 420 20.23 5.41 14.04
CA GLU C 420 20.55 4.82 12.75
C GLU C 420 20.23 5.79 11.61
N ILE C 421 21.13 5.93 10.65
CA ILE C 421 20.90 6.75 9.46
C ILE C 421 20.52 5.90 8.23
N TYR C 422 19.62 6.37 7.38
CA TYR C 422 19.20 5.61 6.20
C TYR C 422 19.12 6.51 4.98
N SER C 423 19.55 6.02 3.83
CA SER C 423 19.35 6.73 2.58
C SER C 423 18.41 5.91 1.76
N TYR C 424 17.58 6.56 0.96
CA TYR C 424 16.66 5.84 0.10
C TYR C 424 16.25 6.73 -1.05
N LYS C 425 15.76 6.11 -2.11
CA LYS C 425 15.43 6.82 -3.34
C LYS C 425 13.93 6.83 -3.54
N ILE C 426 13.39 7.95 -3.97
CA ILE C 426 11.98 7.97 -4.29
C ILE C 426 11.79 7.24 -5.62
N PRO C 427 10.96 6.18 -5.62
CA PRO C 427 10.67 5.30 -6.76
C PRO C 427 10.31 6.06 -8.00
N LYS C 428 10.91 5.72 -9.14
CA LYS C 428 10.62 6.40 -10.40
C LYS C 428 9.33 5.93 -11.01
N TYR C 429 8.92 4.72 -10.69
CA TYR C 429 7.74 4.13 -11.31
C TYR C 429 6.87 3.52 -10.25
N CYS C 430 5.58 3.41 -10.52
CA CYS C 430 4.66 2.89 -9.51
C CYS C 430 4.57 1.39 -9.61
N SER D 1 9.16 -12.58 25.59
CA SER D 1 8.51 -11.28 25.70
C SER D 1 7.06 -11.30 25.21
N ILE D 2 6.13 -11.17 26.15
CA ILE D 2 4.71 -11.36 25.85
C ILE D 2 3.78 -10.33 26.48
N VAL D 3 2.49 -10.47 26.19
CA VAL D 3 1.48 -9.51 26.64
C VAL D 3 0.87 -9.87 27.99
N LEU D 4 1.12 -9.02 28.98
CA LEU D 4 0.60 -9.18 30.32
C LEU D 4 -0.93 -9.02 30.36
N GLU D 5 -1.53 -9.54 31.43
CA GLU D 5 -2.97 -9.45 31.63
C GLU D 5 -3.37 -7.99 31.82
N PRO D 6 -4.46 -7.56 31.12
CA PRO D 6 -4.90 -6.16 31.21
C PRO D 6 -5.24 -5.75 32.65
N ILE D 7 -5.00 -4.49 32.99
CA ILE D 7 -5.34 -3.97 34.31
C ILE D 7 -6.31 -2.81 34.20
N TYR D 8 -7.53 -2.99 34.71
CA TYR D 8 -8.56 -1.96 34.67
C TYR D 8 -8.52 -1.10 35.94
N TRP D 9 -8.66 0.21 35.79
CA TRP D 9 -8.60 1.10 36.95
C TRP D 9 -10.00 1.40 37.48
N GLN D 10 -10.30 0.82 38.64
CA GLN D 10 -11.62 0.87 39.27
C GLN D 10 -11.58 0.06 40.57
N SER D 11 -12.62 0.19 41.40
CA SER D 11 -12.69 -0.54 42.66
C SER D 11 -12.95 -2.06 42.49
N SER D 12 -13.58 -2.42 41.38
CA SER D 12 -14.00 -3.79 41.07
C SER D 12 -12.87 -4.84 40.98
N ASN D 13 -11.63 -4.39 40.83
CA ASN D 13 -10.51 -5.29 40.55
C ASN D 13 -10.07 -6.17 41.71
N SER D 14 -10.03 -7.48 41.45
CA SER D 14 -9.62 -8.49 42.43
C SER D 14 -8.11 -8.43 42.67
N LYS D 15 -7.37 -7.98 41.67
CA LYS D 15 -5.90 -8.00 41.68
C LYS D 15 -5.27 -7.08 42.74
N PHE D 16 -6.07 -6.17 43.29
CA PHE D 16 -5.62 -5.32 44.39
C PHE D 16 -5.56 -6.02 45.75
N LEU D 17 -4.39 -5.95 46.38
CA LEU D 17 -4.25 -6.43 47.76
C LEU D 17 -4.39 -5.21 48.65
N PRO D 18 -5.28 -5.28 49.65
CA PRO D 18 -5.67 -4.17 50.52
C PRO D 18 -4.52 -3.42 51.22
N GLY D 19 -3.52 -4.15 51.73
CA GLY D 19 -2.41 -3.54 52.44
C GLY D 19 -1.17 -3.28 51.61
N GLN D 20 -1.10 -3.96 50.46
CA GLN D 20 0.03 -3.85 49.56
C GLN D 20 -0.37 -3.05 48.31
N GLY D 21 -1.39 -3.54 47.61
CA GLY D 21 -1.79 -2.97 46.34
C GLY D 21 -1.35 -3.93 45.27
N LEU D 22 -1.52 -3.57 44.01
CA LEU D 22 -1.08 -4.45 42.94
C LEU D 22 0.41 -4.20 42.64
N VAL D 23 1.19 -5.28 42.69
CA VAL D 23 2.62 -5.22 42.43
C VAL D 23 2.97 -6.22 41.32
N LEU D 24 3.69 -5.76 40.30
CA LEU D 24 3.94 -6.58 39.12
C LEU D 24 5.41 -6.80 38.77
N TYR D 25 5.66 -7.94 38.12
CA TYR D 25 7.00 -8.33 37.71
C TYR D 25 7.12 -8.57 36.20
N PRO D 26 7.03 -7.49 35.42
CA PRO D 26 7.20 -7.53 33.96
C PRO D 26 8.69 -7.52 33.58
N GLN D 27 8.99 -8.06 32.41
CA GLN D 27 10.35 -8.04 31.88
C GLN D 27 10.40 -7.08 30.69
N ILE D 28 11.57 -6.48 30.44
CA ILE D 28 11.75 -5.55 29.34
C ILE D 28 11.26 -6.17 28.03
N GLY D 29 10.37 -5.48 27.34
CA GLY D 29 9.80 -6.02 26.11
C GLY D 29 8.35 -6.44 26.27
N ASP D 30 7.86 -6.47 27.51
CA ASP D 30 6.49 -6.89 27.78
C ASP D 30 5.48 -5.75 27.52
N LYS D 31 4.25 -6.12 27.16
CA LYS D 31 3.17 -5.17 26.91
C LYS D 31 2.09 -5.29 27.98
N LEU D 32 1.48 -4.16 28.33
CA LEU D 32 0.41 -4.09 29.32
C LEU D 32 -0.61 -3.03 28.96
N ASP D 33 -1.90 -3.36 29.07
CA ASP D 33 -2.95 -2.40 28.80
C ASP D 33 -3.62 -1.93 30.10
N ILE D 34 -3.71 -0.63 30.29
CA ILE D 34 -4.51 -0.05 31.37
C ILE D 34 -5.76 0.63 30.80
N ILE D 35 -6.95 0.19 31.20
CA ILE D 35 -8.18 0.71 30.57
C ILE D 35 -9.18 1.38 31.55
N CYS D 36 -9.69 2.54 31.13
CA CYS D 36 -10.80 3.21 31.81
C CYS D 36 -12.11 2.88 31.10
N PRO D 37 -12.99 2.12 31.76
CA PRO D 37 -14.17 1.55 31.11
C PRO D 37 -15.20 2.64 30.78
N LYS D 38 -15.91 2.50 29.66
CA LYS D 38 -16.93 3.47 29.27
C LYS D 38 -18.28 3.19 29.93
N VAL D 39 -19.26 4.07 29.67
CA VAL D 39 -20.62 4.00 30.24
C VAL D 39 -20.67 3.67 31.74
N GLY D 45 -23.92 0.87 36.14
CA GLY D 45 -24.85 1.96 36.42
C GLY D 45 -24.17 3.26 36.78
N GLN D 46 -22.94 3.19 37.27
CA GLN D 46 -22.20 4.35 37.75
C GLN D 46 -20.79 4.45 37.14
N TYR D 47 -20.18 5.63 37.23
CA TYR D 47 -18.88 5.90 36.62
C TYR D 47 -17.95 6.61 37.60
N GLU D 48 -16.68 6.26 37.54
CA GLU D 48 -15.67 6.83 38.44
C GLU D 48 -14.74 7.83 37.74
N TYR D 49 -14.42 8.92 38.44
CA TYR D 49 -13.61 10.01 37.88
C TYR D 49 -12.18 10.03 38.44
N TYR D 50 -11.21 9.82 37.56
CA TYR D 50 -9.81 9.62 37.98
C TYR D 50 -8.74 10.43 37.25
N LYS D 51 -7.72 10.81 38.01
CA LYS D 51 -6.46 11.30 37.47
C LYS D 51 -5.34 10.38 37.93
N VAL D 52 -4.77 9.63 36.98
CA VAL D 52 -3.76 8.60 37.28
C VAL D 52 -2.35 9.11 37.05
N TYR D 53 -1.47 8.92 38.03
CA TYR D 53 -0.15 9.55 38.00
C TYR D 53 1.02 8.56 38.11
N MET D 54 2.20 8.99 37.68
CA MET D 54 3.42 8.24 37.97
C MET D 54 4.28 8.97 38.99
N VAL D 55 4.66 8.25 40.05
CA VAL D 55 5.47 8.77 41.14
C VAL D 55 6.50 7.77 41.65
N ASP D 56 7.40 8.29 42.47
CA ASP D 56 8.41 7.51 43.19
C ASP D 56 7.85 6.86 44.45
N LYS D 57 8.69 6.11 45.17
CA LYS D 57 8.23 5.29 46.29
C LYS D 57 7.64 6.07 47.46
N ASP D 58 8.30 7.16 47.87
CA ASP D 58 7.86 7.94 49.02
C ASP D 58 6.43 8.46 48.83
N GLN D 59 6.15 9.03 47.66
CA GLN D 59 4.83 9.56 47.35
C GLN D 59 3.79 8.43 47.19
N ALA D 60 4.24 7.27 46.71
CA ALA D 60 3.34 6.13 46.54
C ALA D 60 2.89 5.55 47.88
N ASP D 61 3.81 5.53 48.84
CA ASP D 61 3.54 5.05 50.20
C ASP D 61 2.74 6.06 51.01
N ARG D 62 3.13 7.34 50.89
CA ARG D 62 2.46 8.45 51.56
C ARG D 62 1.14 8.87 50.90
N CYS D 63 0.86 8.29 49.72
CA CYS D 63 -0.35 8.58 48.93
C CYS D 63 -0.57 10.08 48.63
N THR D 64 0.50 10.78 48.29
CA THR D 64 0.45 12.24 48.06
C THR D 64 1.01 12.60 46.68
N ILE D 65 0.49 13.71 46.12
CA ILE D 65 0.91 14.19 44.81
C ILE D 65 1.41 15.63 44.88
N LYS D 66 2.60 15.89 44.33
CA LYS D 66 3.02 17.28 44.15
C LYS D 66 2.29 17.84 42.91
N LYS D 67 2.03 19.15 42.91
CA LYS D 67 1.13 19.77 41.92
C LYS D 67 1.56 19.68 40.44
N GLU D 68 2.88 19.70 40.19
CA GLU D 68 3.42 19.69 38.82
C GLU D 68 3.30 18.37 38.07
N ASN D 69 3.09 17.27 38.81
CA ASN D 69 2.98 15.93 38.22
C ASN D 69 1.84 15.98 37.20
N THR D 70 1.97 15.21 36.11
CA THR D 70 0.99 15.25 35.04
C THR D 70 0.52 13.84 34.72
N PRO D 71 -0.79 13.68 34.48
CA PRO D 71 -1.33 12.32 34.56
C PRO D 71 -0.98 11.45 33.36
N LEU D 72 -0.92 10.14 33.59
CA LEU D 72 -0.86 9.18 32.52
C LEU D 72 -2.25 9.17 31.90
N LEU D 73 -3.24 9.03 32.77
CA LEU D 73 -4.65 8.99 32.38
C LEU D 73 -5.48 10.01 33.15
N ASN D 74 -6.33 10.73 32.44
CA ASN D 74 -7.40 11.51 33.05
C ASN D 74 -8.71 11.03 32.46
N CYS D 75 -9.54 10.31 33.22
CA CYS D 75 -10.77 9.83 32.61
C CYS D 75 -11.96 10.64 33.11
N ALA D 76 -12.35 11.64 32.32
CA ALA D 76 -13.54 12.45 32.56
C ALA D 76 -14.66 12.14 31.58
N LYS D 77 -14.40 11.19 30.68
CA LYS D 77 -15.32 10.96 29.58
C LYS D 77 -15.86 9.54 29.59
N PRO D 78 -17.00 9.34 30.26
CA PRO D 78 -17.61 8.03 30.48
C PRO D 78 -18.17 7.40 29.20
N ASP D 79 -18.40 8.20 28.16
CA ASP D 79 -19.01 7.69 26.93
C ASP D 79 -18.03 6.93 26.00
N GLN D 80 -16.73 7.12 26.23
CA GLN D 80 -15.70 6.48 25.40
C GLN D 80 -14.66 5.73 26.24
N ASP D 81 -14.03 4.74 25.61
CA ASP D 81 -12.94 4.00 26.25
C ASP D 81 -11.65 4.83 26.26
N ILE D 82 -10.92 4.76 27.36
CA ILE D 82 -9.66 5.48 27.46
C ILE D 82 -8.56 4.52 27.88
N LYS D 83 -7.55 4.37 27.03
CA LYS D 83 -6.54 3.31 27.16
C LYS D 83 -5.12 3.85 27.20
N PHE D 84 -4.30 3.23 28.04
CA PHE D 84 -2.89 3.54 28.14
C PHE D 84 -2.10 2.24 27.97
N THR D 85 -1.39 2.13 26.86
CA THR D 85 -0.65 0.92 26.55
C THR D 85 0.81 1.12 26.88
N ILE D 86 1.31 0.34 27.83
CA ILE D 86 2.72 0.37 28.19
C ILE D 86 3.48 -0.76 27.53
N LYS D 87 4.60 -0.43 26.90
CA LYS D 87 5.58 -1.45 26.56
C LYS D 87 6.85 -1.05 27.29
N PHE D 88 7.49 -1.99 27.97
CA PHE D 88 8.60 -1.61 28.82
C PHE D 88 9.87 -1.64 28.02
N GLN D 89 10.37 -0.45 27.71
CA GLN D 89 11.52 -0.28 26.86
C GLN D 89 11.97 1.13 27.11
N GLU D 90 13.07 1.52 26.48
CA GLU D 90 13.67 2.81 26.79
C GLU D 90 12.79 3.95 26.32
N PHE D 91 12.26 3.79 25.11
CA PHE D 91 11.63 4.89 24.40
C PHE D 91 10.12 4.80 24.39
N SER D 92 9.49 5.93 24.76
CA SER D 92 8.05 6.08 24.66
C SER D 92 7.78 7.53 24.27
N PRO D 93 6.60 7.78 23.67
CA PRO D 93 6.12 9.11 23.26
C PRO D 93 5.85 10.07 24.42
N ASN D 94 5.88 9.56 25.65
CA ASN D 94 5.66 10.35 26.85
C ASN D 94 6.53 11.61 26.95
N LEU D 95 5.94 12.69 27.47
CA LEU D 95 6.58 14.01 27.47
C LEU D 95 7.82 14.17 28.36
N TRP D 96 7.83 13.51 29.51
CA TRP D 96 8.93 13.71 30.46
C TRP D 96 10.21 13.05 30.01
N GLY D 97 10.10 12.11 29.07
CA GLY D 97 11.27 11.32 28.72
C GLY D 97 11.22 10.04 29.52
N LEU D 98 10.01 9.59 29.84
CA LEU D 98 9.83 8.37 30.60
C LEU D 98 10.59 7.16 30.05
N GLU D 99 11.52 6.66 30.86
CA GLU D 99 12.35 5.53 30.50
C GLU D 99 12.04 4.31 31.34
N PHE D 100 12.06 3.13 30.74
CA PHE D 100 11.94 1.89 31.51
C PHE D 100 13.23 1.07 31.42
N GLN D 101 13.96 1.03 32.53
CA GLN D 101 15.23 0.33 32.57
C GLN D 101 15.12 -0.87 33.50
N LYS D 102 15.84 -1.93 33.18
CA LYS D 102 15.87 -3.14 33.99
C LYS D 102 16.42 -2.83 35.38
N ASN D 103 15.93 -3.55 36.39
CA ASN D 103 16.32 -3.33 37.79
C ASN D 103 15.97 -1.93 38.32
N LYS D 104 14.73 -1.52 38.06
CA LYS D 104 14.23 -0.26 38.60
C LYS D 104 12.75 -0.41 38.96
N ASP D 105 12.26 0.45 39.85
CA ASP D 105 10.87 0.38 40.30
C ASP D 105 10.11 1.65 39.95
N TYR D 106 8.86 1.50 39.52
CA TYR D 106 8.05 2.66 39.12
C TYR D 106 6.69 2.61 39.79
N TYR D 107 6.18 3.75 40.26
CA TYR D 107 4.92 3.70 41.00
C TYR D 107 3.80 4.45 40.29
N ILE D 108 2.61 3.86 40.27
CA ILE D 108 1.47 4.50 39.68
C ILE D 108 0.30 4.51 40.66
N ILE D 109 -0.09 5.70 41.09
CA ILE D 109 -1.14 5.83 42.09
C ILE D 109 -2.13 6.91 41.66
N SER D 110 -3.32 6.90 42.27
CA SER D 110 -4.30 7.96 42.04
C SER D 110 -4.87 8.47 43.37
N THR D 111 -4.79 9.77 43.61
CA THR D 111 -5.49 10.34 44.75
C THR D 111 -6.76 11.01 44.25
N SER D 112 -7.89 10.36 44.47
CA SER D 112 -9.19 10.89 44.06
C SER D 112 -10.30 10.20 44.84
N ASN D 113 -11.45 10.86 44.95
CA ASN D 113 -12.58 10.25 45.63
C ASN D 113 -13.27 9.27 44.69
N GLY D 114 -13.20 9.55 43.40
CA GLY D 114 -13.95 8.81 42.40
C GLY D 114 -15.11 9.68 41.96
N SER D 115 -15.37 10.70 42.78
CA SER D 115 -16.39 11.68 42.49
C SER D 115 -15.82 12.85 41.69
N LEU D 116 -16.62 13.39 40.78
CA LEU D 116 -16.27 14.61 40.06
C LEU D 116 -16.02 15.70 41.11
N GLU D 117 -15.14 16.65 40.78
CA GLU D 117 -14.74 17.76 41.66
C GLU D 117 -13.74 17.30 42.73
N GLY D 118 -13.68 15.98 42.98
CA GLY D 118 -12.72 15.47 43.93
C GLY D 118 -11.62 14.72 43.22
N LEU D 119 -11.63 14.77 41.89
CA LEU D 119 -10.65 14.09 41.05
C LEU D 119 -9.27 14.76 41.11
N ASP D 120 -9.27 16.06 41.41
CA ASP D 120 -8.04 16.83 41.46
C ASP D 120 -7.42 16.83 42.86
N ASN D 121 -8.00 16.02 43.75
CA ASN D 121 -7.53 15.95 45.12
C ASN D 121 -6.09 15.47 45.15
N GLN D 122 -5.21 16.24 45.77
CA GLN D 122 -3.79 15.94 45.74
C GLN D 122 -3.41 14.86 46.77
N GLU D 123 -4.03 14.91 47.94
CA GLU D 123 -3.65 14.03 49.04
C GLU D 123 -4.77 13.07 49.41
N GLY D 124 -4.41 11.93 50.00
CA GLY D 124 -5.40 10.93 50.36
C GLY D 124 -5.98 10.29 49.11
N GLY D 125 -7.30 10.34 48.99
CA GLY D 125 -7.98 9.83 47.81
C GLY D 125 -8.03 8.32 47.73
N VAL D 126 -8.44 7.81 46.57
CA VAL D 126 -8.63 6.38 46.35
C VAL D 126 -7.33 5.57 46.55
N CYS D 127 -6.20 6.29 46.56
CA CYS D 127 -4.91 5.73 46.93
C CYS D 127 -4.89 5.34 48.41
N GLN D 128 -5.28 6.29 49.26
CA GLN D 128 -5.23 6.12 50.71
C GLN D 128 -6.37 5.21 51.20
N THR D 129 -7.49 5.23 50.50
CA THR D 129 -8.66 4.48 50.93
C THR D 129 -8.71 3.09 50.29
N ARG D 130 -8.95 3.03 48.98
CA ARG D 130 -9.19 1.75 48.30
C ARG D 130 -7.91 1.01 47.90
N ALA D 131 -6.75 1.59 48.24
CA ALA D 131 -5.44 0.98 47.98
C ALA D 131 -5.29 0.59 46.50
N MET D 132 -5.34 1.59 45.64
CA MET D 132 -5.24 1.38 44.20
C MET D 132 -3.81 1.51 43.68
N LYS D 133 -2.88 1.65 44.61
CA LYS D 133 -1.46 1.80 44.30
C LYS D 133 -0.96 0.67 43.39
N ILE D 134 -0.04 1.01 42.48
CA ILE D 134 0.63 0.00 41.65
C ILE D 134 2.16 0.19 41.71
N LEU D 135 2.87 -0.90 41.94
CA LEU D 135 4.33 -0.89 41.95
C LEU D 135 4.85 -1.84 40.88
N MET D 136 5.71 -1.35 40.00
CA MET D 136 6.29 -2.20 38.96
C MET D 136 7.81 -2.38 39.09
N LYS D 137 8.20 -3.64 39.30
CA LYS D 137 9.61 -4.04 39.41
C LYS D 137 10.07 -4.63 38.09
N VAL D 138 11.01 -3.94 37.45
CA VAL D 138 11.36 -4.23 36.06
C VAL D 138 12.64 -5.06 35.95
N GLY D 139 12.51 -6.22 35.33
CA GLY D 139 13.63 -7.13 35.12
C GLY D 139 13.94 -7.98 36.34
N GLN D 140 13.00 -8.05 37.28
CA GLN D 140 13.17 -8.76 38.54
C GLN D 140 12.01 -9.72 38.76
N ASP D 141 12.17 -10.67 39.67
CA ASP D 141 11.08 -11.57 40.12
C ASP D 141 11.35 -12.30 41.43
#